data_8SGF
#
_entry.id   8SGF
#
_cell.length_a   44.510
_cell.length_b   88.190
_cell.length_c   89.340
_cell.angle_alpha   90.00
_cell.angle_beta   104.49
_cell.angle_gamma   90.00
#
_symmetry.space_group_name_H-M   'P 1 21 1'
#
loop_
_entity.id
_entity.type
_entity.pdbx_description
1 polymer 'Kelch domain-containing protein 2'
2 polymer HIS-SER-VAL-ASN-GLN-ARG-PHE-GLY-SER-ASN-ASN-THR-SER-GLY-SER
3 non-polymer GLYCEROL
4 water water
#
loop_
_entity_poly.entity_id
_entity_poly.type
_entity_poly.pdbx_seq_one_letter_code
_entity_poly.pdbx_strand_id
1 'polypeptide(L)'
;GADGNEDLRADDLPGPAFESYESMELACPAERSGHVAVSDGRHMFVWGGYKSNQVRGLYDFYLPREELWIYNMETGRWKK
INTEGDVPPSMSGSCAVCVDRVLYLFGGHHSRGNTNKFYMLDSRSTDRVLQWERIDCQGIPPSSKDKLGVWVYKNKLIFF
GGYGYLPEDKVLGTFEFDETSFWNSSHPRGWNDHVHILDTETFTWSQPITTGKAPSPRAAHACATVGNRGFVFGGRYRDA
RMNDLHYLNLDTWEWNELIPQGICPVGRSWHSLTPVSSDHLFLFGGFTTDKQPLSDAWTYCISKNEWIQFNHPYTEKPRL
WHTACASDEGEVIVFGGCANNLLVHHRAAHSNEILIFSVQPK
;
A,B
2 'polypeptide(L)' HSVNQRFGSNNTSGS Y,Z
#
# COMPACT_ATOMS: atom_id res chain seq x y z
N CYS A 28 3.33 25.34 4.41
CA CYS A 28 4.52 24.69 4.95
C CYS A 28 4.26 23.20 5.17
N PRO A 29 5.29 22.35 4.99
CA PRO A 29 5.08 20.93 5.20
C PRO A 29 4.83 20.61 6.67
N ALA A 30 4.05 19.55 6.91
CA ALA A 30 3.76 19.16 8.29
C ALA A 30 5.06 18.66 8.96
N GLU A 31 5.10 18.75 10.30
CA GLU A 31 6.26 18.27 11.06
C GLU A 31 6.41 16.76 10.85
N ARG A 32 7.64 16.26 11.01
CA ARG A 32 7.87 14.83 10.82
C ARG A 32 9.27 14.44 11.19
N SER A 33 9.43 13.15 11.48
CA SER A 33 10.73 12.54 11.67
C SER A 33 10.82 11.29 10.76
N GLY A 34 12.04 10.86 10.48
CA GLY A 34 12.24 9.64 9.71
C GLY A 34 11.89 9.72 8.24
N HIS A 35 11.68 10.91 7.75
CA HIS A 35 11.47 11.17 6.32
C HIS A 35 12.81 11.03 5.55
N VAL A 36 12.77 11.23 4.22
CA VAL A 36 13.99 11.31 3.43
C VAL A 36 14.08 12.70 2.84
N ALA A 37 15.29 13.16 2.58
CA ALA A 37 15.51 14.42 1.90
C ALA A 37 16.77 14.28 1.11
N VAL A 38 16.63 14.56 -0.19
CA VAL A 38 17.74 14.47 -1.12
C VAL A 38 17.77 15.74 -1.92
N SER A 39 18.90 16.03 -2.57
CA SER A 39 19.01 17.28 -3.31
C SER A 39 19.97 17.23 -4.44
N ASP A 40 19.81 18.18 -5.35
CA ASP A 40 20.78 18.41 -6.40
C ASP A 40 21.64 19.65 -6.08
N GLY A 41 21.68 20.11 -4.82
CA GLY A 41 22.42 21.31 -4.47
C GLY A 41 21.60 22.59 -4.53
N ARG A 42 20.41 22.58 -5.16
CA ARG A 42 19.56 23.79 -5.21
C ARG A 42 18.13 23.51 -4.79
N HIS A 43 17.61 22.32 -5.14
CA HIS A 43 16.27 21.91 -4.79
C HIS A 43 16.39 20.73 -3.85
N MET A 44 15.59 20.71 -2.78
CA MET A 44 15.61 19.64 -1.79
C MET A 44 14.25 18.93 -1.82
N PHE A 45 14.24 17.64 -2.14
CA PHE A 45 13.06 16.80 -2.26
C PHE A 45 12.87 16.06 -0.94
N VAL A 46 11.71 16.21 -0.32
CA VAL A 46 11.38 15.60 0.97
C VAL A 46 10.20 14.66 0.79
N TRP A 47 10.31 13.44 1.31
CA TRP A 47 9.22 12.46 1.21
C TRP A 47 9.06 11.64 2.50
N GLY A 48 7.83 11.21 2.75
CA GLY A 48 7.48 10.30 3.83
C GLY A 48 7.71 10.77 5.25
N GLY A 49 8.03 9.82 6.11
CA GLY A 49 8.19 10.10 7.54
C GLY A 49 6.86 9.96 8.28
N TYR A 50 6.88 10.18 9.60
CA TYR A 50 5.68 10.08 10.44
C TYR A 50 5.69 11.23 11.48
N LYS A 51 4.55 11.44 12.15
CA LYS A 51 4.38 12.45 13.17
C LYS A 51 3.33 11.95 14.20
N SER A 52 3.08 12.73 15.26
CA SER A 52 2.06 12.38 16.25
C SER A 52 0.82 13.28 16.10
N ASN A 53 -0.28 12.93 16.80
CA ASN A 53 -1.56 13.65 16.83
C ASN A 53 -2.33 13.43 15.54
N ASP A 60 0.09 8.06 16.43
CA ASP A 60 1.06 8.36 15.35
C ASP A 60 0.49 8.05 13.98
N PHE A 61 1.01 8.72 12.94
CA PHE A 61 0.59 8.42 11.58
C PHE A 61 1.67 8.79 10.57
N TYR A 62 1.74 8.02 9.48
CA TYR A 62 2.69 8.31 8.43
C TYR A 62 2.16 9.44 7.56
N LEU A 63 3.08 10.27 7.02
CA LEU A 63 2.67 11.38 6.16
C LEU A 63 2.19 10.83 4.82
N PRO A 64 1.33 11.57 4.10
CA PRO A 64 0.76 11.02 2.85
C PRO A 64 1.80 10.57 1.82
N ARG A 65 1.66 9.33 1.31
CA ARG A 65 2.64 8.75 0.38
C ARG A 65 2.76 9.50 -0.94
N GLU A 66 1.67 10.09 -1.42
CA GLU A 66 1.67 10.74 -2.72
C GLU A 66 2.34 12.11 -2.72
N GLU A 67 2.52 12.74 -1.55
CA GLU A 67 3.13 14.09 -1.53
C GLU A 67 4.64 14.05 -1.70
N LEU A 68 5.17 15.02 -2.43
CA LEU A 68 6.60 15.23 -2.56
C LEU A 68 6.78 16.72 -2.34
N TRP A 69 7.47 17.08 -1.26
CA TRP A 69 7.68 18.48 -0.93
C TRP A 69 9.03 18.92 -1.51
N ILE A 70 9.06 20.11 -2.11
CA ILE A 70 10.29 20.62 -2.71
C ILE A 70 10.64 21.95 -2.05
N TYR A 71 11.81 22.02 -1.43
CA TYR A 71 12.30 23.24 -0.81
C TYR A 71 13.34 23.83 -1.74
N ASN A 72 13.14 25.08 -2.15
CA ASN A 72 14.10 25.75 -3.01
C ASN A 72 15.13 26.31 -2.06
N MET A 73 16.35 25.78 -2.09
CA MET A 73 17.42 26.21 -1.17
C MET A 73 17.82 27.66 -1.35
N GLU A 74 17.67 28.19 -2.57
CA GLU A 74 18.05 29.57 -2.85
C GLU A 74 17.05 30.59 -2.34
N THR A 75 15.73 30.28 -2.40
CA THR A 75 14.70 31.23 -1.99
C THR A 75 14.07 30.98 -0.64
N GLY A 76 14.17 29.75 -0.14
CA GLY A 76 13.56 29.39 1.13
C GLY A 76 12.09 29.07 1.04
N ARG A 77 11.56 28.88 -0.18
CA ARG A 77 10.14 28.57 -0.36
C ARG A 77 9.88 27.09 -0.63
N TRP A 78 8.72 26.61 -0.21
CA TRP A 78 8.28 25.23 -0.39
C TRP A 78 7.22 25.11 -1.49
N LYS A 79 7.15 23.94 -2.12
CA LYS A 79 6.14 23.64 -3.13
C LYS A 79 5.73 22.18 -2.95
N LYS A 80 4.43 21.89 -2.89
CA LYS A 80 3.96 20.52 -2.74
C LYS A 80 3.48 19.96 -4.07
N ILE A 81 4.02 18.81 -4.50
CA ILE A 81 3.55 18.17 -5.72
C ILE A 81 3.11 16.73 -5.45
N ASN A 82 1.94 16.36 -5.97
CA ASN A 82 1.43 15.01 -5.81
C ASN A 82 1.93 14.15 -6.94
N THR A 83 2.42 12.96 -6.59
CA THR A 83 3.03 12.02 -7.53
C THR A 83 2.10 10.86 -7.86
N GLU A 84 2.38 10.14 -8.95
CA GLU A 84 1.56 8.99 -9.37
C GLU A 84 2.46 7.74 -9.65
N GLY A 85 1.91 6.74 -10.35
CA GLY A 85 2.64 5.54 -10.70
C GLY A 85 2.73 4.56 -9.55
N ASP A 86 3.89 3.89 -9.41
CA ASP A 86 4.10 2.89 -8.37
C ASP A 86 4.47 3.61 -7.05
N VAL A 87 3.54 4.40 -6.51
CA VAL A 87 3.83 5.16 -5.29
C VAL A 87 4.19 4.24 -4.15
N PRO A 88 5.36 4.43 -3.51
CA PRO A 88 5.71 3.53 -2.41
C PRO A 88 4.75 3.73 -1.24
N PRO A 89 4.59 2.73 -0.36
CA PRO A 89 3.77 2.94 0.84
C PRO A 89 4.44 4.02 1.70
N SER A 90 3.63 4.74 2.51
CA SER A 90 4.17 5.78 3.41
C SER A 90 5.13 5.12 4.37
N MET A 91 6.37 5.65 4.51
CA MET A 91 7.33 4.95 5.41
C MET A 91 8.20 5.92 6.20
N SER A 92 8.72 5.41 7.32
CA SER A 92 9.82 6.10 7.98
C SER A 92 11.08 5.22 7.78
N GLY A 93 12.27 5.83 7.90
CA GLY A 93 13.51 5.06 7.85
C GLY A 93 13.99 4.60 6.49
N SER A 94 13.35 5.08 5.39
CA SER A 94 13.81 4.73 4.04
C SER A 94 15.12 5.39 3.75
N CYS A 95 15.79 4.88 2.72
CA CYS A 95 17.12 5.35 2.37
C CYS A 95 17.08 5.81 0.94
N ALA A 96 17.36 7.12 0.70
CA ALA A 96 17.22 7.68 -0.63
C ALA A 96 18.45 8.47 -1.11
N VAL A 97 18.56 8.62 -2.44
CA VAL A 97 19.60 9.36 -3.14
C VAL A 97 19.03 10.20 -4.29
N CYS A 98 19.80 11.20 -4.73
CA CYS A 98 19.44 11.97 -5.90
C CYS A 98 20.68 11.92 -6.81
N VAL A 99 20.57 11.29 -7.97
CA VAL A 99 21.71 11.21 -8.90
C VAL A 99 21.23 11.80 -10.22
N ASP A 100 21.82 12.93 -10.67
CA ASP A 100 21.40 13.56 -11.95
C ASP A 100 19.87 13.83 -11.97
N ARG A 101 19.30 14.27 -10.84
CA ARG A 101 17.88 14.56 -10.63
C ARG A 101 16.95 13.32 -10.77
N VAL A 102 17.53 12.13 -10.72
CA VAL A 102 16.76 10.89 -10.67
C VAL A 102 16.86 10.44 -9.24
N LEU A 103 15.71 10.36 -8.55
CA LEU A 103 15.70 9.95 -7.16
C LEU A 103 15.55 8.43 -7.06
N TYR A 104 16.24 7.80 -6.08
CA TYR A 104 16.11 6.37 -5.87
C TYR A 104 15.86 6.14 -4.41
N LEU A 105 14.95 5.22 -4.11
CA LEU A 105 14.52 4.97 -2.73
C LEU A 105 14.60 3.49 -2.42
N PHE A 106 15.22 3.14 -1.30
CA PHE A 106 15.32 1.74 -0.89
C PHE A 106 14.88 1.56 0.57
N GLY A 107 14.16 0.46 0.84
CA GLY A 107 13.83 0.07 2.19
C GLY A 107 12.91 1.02 2.91
N GLY A 108 12.86 0.88 4.23
CA GLY A 108 11.98 1.68 5.05
C GLY A 108 11.06 0.81 5.89
N HIS A 109 10.17 1.46 6.62
CA HIS A 109 9.21 0.76 7.49
C HIS A 109 7.85 1.37 7.30
N HIS A 110 6.88 0.58 6.85
CA HIS A 110 5.50 1.02 6.70
C HIS A 110 4.63 0.36 7.81
N SER A 111 3.29 0.55 7.77
CA SER A 111 2.37 -0.02 8.76
C SER A 111 2.51 -1.54 8.92
N ARG A 112 2.94 -2.23 7.87
CA ARG A 112 3.13 -3.68 7.90
C ARG A 112 4.60 -4.14 8.00
N GLY A 113 5.47 -3.27 8.48
CA GLY A 113 6.86 -3.61 8.73
C GLY A 113 7.88 -3.15 7.70
N ASN A 114 9.05 -3.82 7.72
CA ASN A 114 10.14 -3.44 6.84
C ASN A 114 10.00 -3.95 5.43
N THR A 115 10.73 -3.32 4.51
CA THR A 115 10.72 -3.69 3.10
C THR A 115 12.12 -3.61 2.50
N ASN A 116 12.30 -4.31 1.38
CA ASN A 116 13.54 -4.24 0.60
C ASN A 116 13.24 -3.86 -0.86
N LYS A 117 12.09 -3.21 -1.12
CA LYS A 117 11.77 -2.74 -2.44
C LYS A 117 12.59 -1.50 -2.80
N PHE A 118 12.76 -1.35 -4.11
CA PHE A 118 13.54 -0.27 -4.67
C PHE A 118 12.73 0.46 -5.72
N TYR A 119 12.70 1.79 -5.62
CA TYR A 119 11.92 2.68 -6.46
C TYR A 119 12.78 3.78 -7.09
N MET A 120 12.36 4.25 -8.23
CA MET A 120 13.01 5.35 -8.94
C MET A 120 11.93 6.40 -9.20
N LEU A 121 12.29 7.68 -9.09
CA LEU A 121 11.42 8.80 -9.43
C LEU A 121 12.23 9.79 -10.23
N ASP A 122 12.00 9.84 -11.54
CA ASP A 122 12.73 10.74 -12.40
C ASP A 122 12.14 12.16 -12.20
N SER A 123 12.90 13.10 -11.62
CA SER A 123 12.40 14.46 -11.36
C SER A 123 12.88 15.52 -12.34
N ARG A 124 13.62 15.12 -13.40
CA ARG A 124 14.25 16.04 -14.35
C ARG A 124 13.28 17.00 -15.08
N SER A 125 12.24 16.48 -15.75
CA SER A 125 11.30 17.34 -16.46
C SER A 125 9.99 17.51 -15.70
N ARG A 128 5.37 18.17 -15.95
CA ARG A 128 4.68 16.88 -16.08
C ARG A 128 4.58 16.15 -14.73
N VAL A 129 3.46 15.44 -14.49
CA VAL A 129 3.25 14.71 -13.24
C VAL A 129 4.29 13.64 -13.03
N LEU A 130 5.00 13.68 -11.91
CA LEU A 130 6.04 12.72 -11.62
C LEU A 130 5.47 11.35 -11.32
N GLN A 131 6.14 10.33 -11.86
CA GLN A 131 5.72 8.95 -11.78
C GLN A 131 6.76 8.10 -11.09
N TRP A 132 6.37 7.47 -9.98
CA TRP A 132 7.25 6.54 -9.28
C TRP A 132 7.30 5.24 -10.10
N GLU A 133 8.44 4.60 -10.10
CA GLU A 133 8.65 3.34 -10.77
C GLU A 133 9.27 2.33 -9.79
N ARG A 134 8.58 1.25 -9.47
CA ARG A 134 9.11 0.19 -8.62
C ARG A 134 9.91 -0.69 -9.56
N ILE A 135 11.20 -0.84 -9.25
CA ILE A 135 12.08 -1.60 -10.13
C ILE A 135 12.20 -3.04 -9.68
N ASP A 136 11.92 -3.99 -10.57
CA ASP A 136 12.08 -5.39 -10.21
C ASP A 136 13.56 -5.75 -10.51
N CYS A 137 14.42 -5.56 -9.50
CA CYS A 137 15.85 -5.75 -9.65
C CYS A 137 16.28 -7.18 -9.84
N GLN A 138 17.36 -7.38 -10.59
CA GLN A 138 17.96 -8.70 -10.74
C GLN A 138 18.92 -8.92 -9.55
N GLY A 139 19.30 -10.16 -9.31
CA GLY A 139 20.19 -10.50 -8.19
C GLY A 139 19.44 -10.66 -6.87
N ILE A 140 20.18 -10.94 -5.78
CA ILE A 140 19.61 -11.14 -4.45
C ILE A 140 19.56 -9.79 -3.70
N PRO A 141 18.36 -9.30 -3.37
CA PRO A 141 18.29 -7.98 -2.71
C PRO A 141 18.79 -8.04 -1.28
N PRO A 142 19.11 -6.88 -0.67
CA PRO A 142 19.39 -6.89 0.77
C PRO A 142 18.14 -7.36 1.54
N SER A 143 18.34 -7.73 2.81
CA SER A 143 17.21 -8.08 3.67
C SER A 143 16.33 -6.85 3.91
N SER A 144 15.05 -7.06 4.21
CA SER A 144 14.13 -5.94 4.46
C SER A 144 14.57 -5.18 5.70
N LYS A 145 14.74 -3.86 5.57
CA LYS A 145 15.34 -3.07 6.65
C LYS A 145 15.09 -1.58 6.50
N ASP A 146 15.37 -0.83 7.56
CA ASP A 146 15.29 0.62 7.55
C ASP A 146 16.49 1.16 8.35
N LYS A 147 16.57 2.49 8.44
CA LYS A 147 17.57 3.16 9.26
C LYS A 147 19.00 2.72 8.89
N LEU A 148 19.27 2.86 7.60
CA LEU A 148 20.57 2.46 7.04
C LEU A 148 21.29 3.67 6.41
N GLY A 149 22.25 3.40 5.53
CA GLY A 149 22.94 4.47 4.84
C GLY A 149 23.39 4.04 3.47
N VAL A 150 23.76 5.03 2.64
CA VAL A 150 24.15 4.75 1.27
C VAL A 150 25.24 5.70 0.83
N TRP A 151 26.11 5.17 -0.04
CA TRP A 151 27.13 5.93 -0.72
C TRP A 151 26.82 5.85 -2.22
N VAL A 152 27.01 6.95 -2.93
CA VAL A 152 26.88 6.97 -4.39
C VAL A 152 28.26 7.05 -4.98
N TYR A 153 28.59 6.16 -5.93
CA TYR A 153 29.90 6.20 -6.56
C TYR A 153 29.71 5.76 -8.00
N LYS A 154 29.75 6.72 -8.93
CA LYS A 154 29.57 6.46 -10.37
C LYS A 154 28.21 5.75 -10.60
N ASN A 155 28.17 4.60 -11.28
CA ASN A 155 26.95 3.85 -11.53
C ASN A 155 26.41 3.05 -10.33
N LYS A 156 27.17 2.99 -9.23
CA LYS A 156 26.75 2.15 -8.10
C LYS A 156 26.07 2.90 -6.97
N LEU A 157 25.04 2.29 -6.37
CA LEU A 157 24.48 2.79 -5.11
C LEU A 157 24.93 1.72 -4.10
N ILE A 158 25.64 2.12 -3.05
CA ILE A 158 26.21 1.16 -2.10
C ILE A 158 25.55 1.34 -0.76
N PHE A 159 24.78 0.33 -0.33
CA PHE A 159 24.04 0.40 0.91
C PHE A 159 24.73 -0.33 2.02
N PHE A 160 24.68 0.23 3.24
CA PHE A 160 25.36 -0.33 4.41
C PHE A 160 24.44 -0.38 5.62
N GLY A 161 24.43 -1.53 6.28
CA GLY A 161 23.81 -1.70 7.58
C GLY A 161 22.29 -1.60 7.64
N GLY A 162 21.78 -1.30 8.83
CA GLY A 162 20.32 -1.17 8.99
C GLY A 162 19.73 -2.12 10.02
N TYR A 163 18.40 -2.04 10.18
CA TYR A 163 17.64 -2.82 11.16
C TYR A 163 16.45 -3.43 10.44
N GLY A 164 16.25 -4.72 10.63
CA GLY A 164 15.12 -5.39 10.00
C GLY A 164 15.11 -6.87 10.24
N TYR A 165 14.42 -7.60 9.38
CA TYR A 165 14.24 -9.04 9.58
C TYR A 165 15.50 -9.83 9.33
N LEU A 166 15.51 -11.10 9.82
CA LEU A 166 16.59 -12.05 9.56
C LEU A 166 16.65 -12.24 8.03
N PRO A 167 17.81 -12.10 7.37
CA PRO A 167 17.86 -12.32 5.91
C PRO A 167 17.31 -13.71 5.54
N GLU A 168 16.68 -13.81 4.36
CA GLU A 168 16.09 -15.06 3.86
C GLU A 168 17.14 -16.16 3.81
N ASP A 169 18.38 -15.81 3.44
CA ASP A 169 19.48 -16.79 3.38
C ASP A 169 20.78 -16.20 3.98
N LYS A 170 21.76 -17.07 4.30
CA LYS A 170 23.05 -16.63 4.81
C LYS A 170 23.81 -15.98 3.67
N VAL A 171 24.01 -14.65 3.75
CA VAL A 171 24.73 -13.88 2.72
C VAL A 171 26.07 -13.32 3.29
N LEU A 172 26.80 -12.43 2.57
CA LEU A 172 28.06 -11.90 3.08
C LEU A 172 27.84 -10.91 4.20
N GLY A 173 28.44 -11.17 5.34
CA GLY A 173 28.34 -10.28 6.48
C GLY A 173 27.71 -10.93 7.70
N THR A 174 27.41 -10.11 8.70
CA THR A 174 26.83 -10.60 9.93
C THR A 174 25.55 -9.90 10.28
N PHE A 175 24.67 -10.63 10.96
CA PHE A 175 23.38 -10.16 11.42
C PHE A 175 23.31 -10.48 12.93
N GLU A 176 22.83 -9.54 13.74
CA GLU A 176 22.76 -9.73 15.19
C GLU A 176 21.35 -9.36 15.66
N PHE A 177 20.63 -10.30 16.29
CA PHE A 177 19.26 -10.03 16.71
C PHE A 177 19.23 -9.03 17.85
N ASP A 178 18.13 -8.27 17.90
CA ASP A 178 17.80 -7.36 18.98
C ASP A 178 16.85 -8.18 19.85
N GLU A 179 17.34 -8.59 21.02
CA GLU A 179 16.54 -9.45 21.91
C GLU A 179 15.19 -8.87 22.29
N THR A 180 15.06 -7.52 22.33
CA THR A 180 13.78 -6.88 22.66
C THR A 180 12.70 -7.11 21.59
N SER A 181 13.11 -7.42 20.36
CA SER A 181 12.18 -7.64 19.25
C SER A 181 11.43 -8.98 19.30
N PHE A 182 11.82 -9.89 20.21
CA PHE A 182 11.18 -11.20 20.29
C PHE A 182 9.93 -11.21 21.20
N TRP A 183 9.87 -10.29 22.15
CA TRP A 183 8.78 -10.26 23.11
C TRP A 183 7.67 -9.30 22.68
N ASN A 184 8.04 -8.12 22.14
CA ASN A 184 7.03 -7.17 21.67
C ASN A 184 6.76 -7.27 20.17
N SER A 185 6.91 -8.48 19.57
CA SER A 185 6.65 -8.63 18.13
C SER A 185 6.51 -10.09 17.65
N SER A 186 5.72 -10.28 16.59
CA SER A 186 5.52 -11.57 15.96
C SER A 186 6.70 -11.96 15.04
N HIS A 187 7.48 -10.96 14.57
CA HIS A 187 8.63 -11.17 13.67
C HIS A 187 9.85 -10.46 14.24
N PRO A 188 10.85 -11.21 14.72
CA PRO A 188 12.05 -10.60 15.32
C PRO A 188 12.92 -9.85 14.33
N ARG A 189 13.72 -8.92 14.85
CA ARG A 189 14.55 -8.08 14.01
C ARG A 189 15.93 -7.85 14.64
N GLY A 190 16.85 -7.35 13.81
CA GLY A 190 18.19 -7.09 14.31
C GLY A 190 19.01 -6.22 13.37
N TRP A 191 20.28 -6.02 13.74
CA TRP A 191 21.18 -5.17 12.98
C TRP A 191 22.06 -5.95 12.03
N ASN A 192 22.51 -5.30 10.94
CA ASN A 192 23.46 -5.95 10.04
C ASN A 192 24.62 -5.02 9.72
N ASP A 193 25.73 -5.61 9.27
CA ASP A 193 26.86 -4.85 8.74
C ASP A 193 26.98 -5.03 7.22
N HIS A 194 25.89 -5.42 6.55
CA HIS A 194 25.94 -5.79 5.15
C HIS A 194 26.26 -4.67 4.21
N VAL A 195 27.07 -4.99 3.19
CA VAL A 195 27.34 -4.02 2.12
C VAL A 195 26.70 -4.61 0.85
N HIS A 196 25.83 -3.87 0.20
CA HIS A 196 25.19 -4.30 -1.06
C HIS A 196 25.34 -3.19 -2.10
N ILE A 197 25.56 -3.61 -3.34
CA ILE A 197 25.63 -2.68 -4.45
C ILE A 197 24.39 -2.85 -5.30
N LEU A 198 23.75 -1.73 -5.70
CA LEU A 198 22.70 -1.76 -6.70
C LEU A 198 23.39 -1.07 -7.89
N ASP A 199 23.62 -1.80 -8.98
CA ASP A 199 24.33 -1.26 -10.13
C ASP A 199 23.27 -0.67 -11.03
N THR A 200 23.28 0.66 -11.21
CA THR A 200 22.23 1.30 -12.02
C THR A 200 22.37 1.06 -13.53
N GLU A 201 23.48 0.45 -13.98
CA GLU A 201 23.60 0.08 -15.39
C GLU A 201 22.61 -1.03 -15.75
N THR A 202 22.36 -1.95 -14.82
CA THR A 202 21.49 -3.10 -15.08
C THR A 202 20.42 -3.35 -14.03
N PHE A 203 20.36 -2.50 -12.97
CA PHE A 203 19.46 -2.67 -11.83
C PHE A 203 19.64 -4.07 -11.24
N THR A 204 20.93 -4.41 -11.00
CA THR A 204 21.31 -5.70 -10.43
C THR A 204 22.00 -5.49 -9.07
N TRP A 205 21.56 -6.31 -8.08
CA TRP A 205 22.10 -6.37 -6.73
C TRP A 205 23.29 -7.32 -6.68
N SER A 206 24.26 -7.00 -5.87
CA SER A 206 25.41 -7.84 -5.64
C SER A 206 26.06 -7.42 -4.31
N GLN A 207 27.00 -8.21 -3.82
CA GLN A 207 27.76 -7.85 -2.65
C GLN A 207 29.23 -7.93 -3.01
N PRO A 208 29.98 -6.85 -2.77
CA PRO A 208 31.41 -6.89 -3.03
C PRO A 208 32.12 -7.71 -1.94
N ILE A 209 33.25 -8.31 -2.30
CA ILE A 209 34.09 -9.02 -1.36
C ILE A 209 34.98 -7.94 -0.76
N THR A 210 34.82 -7.67 0.53
CA THR A 210 35.61 -6.62 1.16
C THR A 210 36.81 -7.15 1.92
N THR A 211 37.81 -6.31 2.10
CA THR A 211 38.96 -6.61 2.94
C THR A 211 38.95 -5.62 4.12
N GLY A 212 39.75 -5.90 5.15
CA GLY A 212 39.75 -5.09 6.36
C GLY A 212 38.57 -5.47 7.24
N LYS A 213 38.46 -4.84 8.40
CA LYS A 213 37.38 -5.17 9.34
C LYS A 213 36.23 -4.21 9.17
N ALA A 214 35.06 -4.71 8.79
CA ALA A 214 33.88 -3.88 8.63
C ALA A 214 33.46 -3.36 10.00
N PRO A 215 32.79 -2.19 10.07
CA PRO A 215 32.25 -1.74 11.35
C PRO A 215 31.23 -2.77 11.86
N SER A 216 31.01 -2.79 13.18
CA SER A 216 30.01 -3.69 13.78
C SER A 216 28.63 -3.50 13.12
N PRO A 217 27.75 -4.53 13.14
CA PRO A 217 26.37 -4.32 12.66
C PRO A 217 25.74 -3.10 13.34
N ARG A 218 24.95 -2.29 12.65
CA ARG A 218 24.41 -1.09 13.26
C ARG A 218 23.28 -0.54 12.44
N ALA A 219 22.48 0.32 13.09
CA ALA A 219 21.42 1.05 12.40
C ALA A 219 21.42 2.49 12.94
N ALA A 220 20.79 3.41 12.19
CA ALA A 220 20.73 4.83 12.58
C ALA A 220 22.11 5.49 12.62
N HIS A 221 23.08 4.85 11.93
CA HIS A 221 24.37 5.42 11.66
C HIS A 221 24.16 6.48 10.53
N ALA A 222 25.22 7.19 10.14
CA ALA A 222 25.13 8.17 9.06
C ALA A 222 26.30 7.97 8.12
N CYS A 223 26.01 7.99 6.82
CA CYS A 223 26.97 7.81 5.73
C CYS A 223 27.19 9.12 4.97
N ALA A 224 28.41 9.34 4.52
CA ALA A 224 28.72 10.50 3.69
C ALA A 224 29.84 10.07 2.70
N THR A 225 29.76 10.51 1.45
CA THR A 225 30.75 10.09 0.44
C THR A 225 31.56 11.27 -0.03
N VAL A 226 32.88 11.07 -0.14
CA VAL A 226 33.76 12.07 -0.74
C VAL A 226 34.68 11.28 -1.65
N GLY A 227 34.52 11.52 -2.94
CA GLY A 227 35.25 10.81 -3.98
C GLY A 227 34.98 9.31 -3.91
N ASN A 228 36.07 8.56 -3.72
CA ASN A 228 35.94 7.11 -3.63
C ASN A 228 35.96 6.63 -2.17
N ARG A 229 35.69 7.51 -1.19
CA ARG A 229 35.64 7.09 0.21
C ARG A 229 34.23 7.23 0.75
N GLY A 230 33.71 6.13 1.24
CA GLY A 230 32.36 6.07 1.79
C GLY A 230 32.49 6.08 3.29
N PHE A 231 32.33 7.24 3.91
CA PHE A 231 32.47 7.37 5.37
C PHE A 231 31.22 6.88 6.09
N VAL A 232 31.40 6.41 7.34
CA VAL A 232 30.26 6.01 8.18
C VAL A 232 30.62 6.36 9.60
N PHE A 233 29.71 7.05 10.31
CA PHE A 233 29.96 7.47 11.68
C PHE A 233 28.84 7.02 12.57
N GLY A 234 29.21 6.56 13.76
CA GLY A 234 28.23 6.26 14.80
C GLY A 234 27.20 5.21 14.48
N GLY A 235 26.07 5.32 15.14
CA GLY A 235 25.00 4.36 14.99
C GLY A 235 24.75 3.57 16.26
N ARG A 236 23.66 2.82 16.27
CA ARG A 236 23.26 2.00 17.42
C ARG A 236 23.66 0.54 17.17
N TYR A 237 24.21 -0.12 18.21
CA TYR A 237 24.50 -1.56 18.14
C TYR A 237 24.45 -2.08 19.56
N ARG A 238 23.58 -3.08 19.81
CA ARG A 238 23.37 -3.69 21.12
C ARG A 238 22.95 -2.62 22.13
N ASP A 239 23.74 -2.32 23.18
CA ASP A 239 23.34 -1.30 24.15
C ASP A 239 24.06 0.03 24.02
N ALA A 240 24.74 0.26 22.89
CA ALA A 240 25.50 1.51 22.73
C ALA A 240 25.11 2.28 21.47
N ARG A 241 25.30 3.61 21.55
CA ARG A 241 25.21 4.54 20.43
C ARG A 241 26.66 5.01 20.32
N MET A 242 27.29 4.59 19.23
CA MET A 242 28.74 4.63 19.00
C MET A 242 29.36 5.94 18.45
N ASN A 243 30.67 6.05 18.71
CA ASN A 243 31.48 7.22 18.34
C ASN A 243 32.56 6.90 17.33
N ASP A 244 32.47 5.75 16.64
CA ASP A 244 33.51 5.33 15.74
C ASP A 244 33.31 5.84 14.31
N LEU A 245 34.42 5.99 13.62
CA LEU A 245 34.40 6.52 12.28
C LEU A 245 35.22 5.63 11.36
N HIS A 246 34.64 5.21 10.23
CA HIS A 246 35.32 4.35 9.26
C HIS A 246 35.06 4.85 7.84
N TYR A 247 35.84 4.33 6.88
CA TYR A 247 35.47 4.53 5.47
C TYR A 247 35.73 3.26 4.70
N LEU A 248 34.92 3.03 3.70
CA LEU A 248 35.08 1.91 2.79
C LEU A 248 35.64 2.53 1.50
N ASN A 249 36.75 2.01 0.99
CA ASN A 249 37.28 2.49 -0.29
C ASN A 249 36.35 1.88 -1.36
N LEU A 250 35.66 2.72 -2.14
CA LEU A 250 34.64 2.28 -3.09
C LEU A 250 35.20 1.78 -4.45
N ASP A 251 36.53 1.80 -4.60
CA ASP A 251 37.24 1.28 -5.78
C ASP A 251 37.82 -0.10 -5.45
N THR A 252 38.42 -0.23 -4.23
CA THR A 252 39.11 -1.47 -3.81
C THR A 252 38.31 -2.36 -2.87
N TRP A 253 37.32 -1.79 -2.20
CA TRP A 253 36.48 -2.48 -1.22
C TRP A 253 37.24 -2.80 0.08
N GLU A 254 38.23 -1.97 0.43
CA GLU A 254 38.96 -2.13 1.69
CA GLU A 254 38.94 -2.14 1.70
C GLU A 254 38.36 -1.20 2.77
N TRP A 255 38.05 -1.77 3.93
CA TRP A 255 37.53 -1.00 5.05
C TRP A 255 38.72 -0.42 5.82
N ASN A 256 38.56 0.79 6.35
CA ASN A 256 39.60 1.43 7.14
C ASN A 256 38.93 2.08 8.36
N GLU A 257 39.51 1.93 9.57
CA GLU A 257 38.99 2.63 10.75
C GLU A 257 39.82 3.90 10.93
N LEU A 258 39.14 5.03 11.11
CA LEU A 258 39.81 6.30 11.34
C LEU A 258 39.94 6.53 12.83
N ILE A 259 41.14 6.91 13.29
CA ILE A 259 41.38 7.19 14.69
C ILE A 259 41.81 8.65 14.81
N PRO A 260 40.86 9.62 14.78
CA PRO A 260 41.28 11.03 14.93
C PRO A 260 41.89 11.26 16.30
N GLN A 261 42.87 12.15 16.39
CA GLN A 261 43.50 12.43 17.68
C GLN A 261 42.81 13.59 18.35
N GLY A 262 42.88 13.60 19.67
CA GLY A 262 42.28 14.62 20.49
C GLY A 262 40.81 14.37 20.72
N ILE A 263 40.07 15.41 21.01
CA ILE A 263 38.64 15.34 21.30
C ILE A 263 37.82 14.90 20.10
N CYS A 264 36.92 13.94 20.34
CA CYS A 264 35.99 13.40 19.36
C CYS A 264 34.57 13.67 19.83
N PRO A 265 33.60 13.76 18.91
CA PRO A 265 32.20 13.96 19.35
C PRO A 265 31.69 12.77 20.14
N VAL A 266 30.69 13.00 21.00
CA VAL A 266 30.10 11.93 21.78
C VAL A 266 29.40 10.91 20.88
N GLY A 267 29.42 9.63 21.26
CA GLY A 267 28.74 8.57 20.53
C GLY A 267 27.26 8.84 20.37
N ARG A 268 26.68 8.47 19.20
CA ARG A 268 25.29 8.80 18.99
C ARG A 268 24.70 8.01 17.84
N SER A 269 23.39 8.02 17.74
CA SER A 269 22.65 7.56 16.56
C SER A 269 21.67 8.67 16.14
N TRP A 270 21.05 8.51 14.96
CA TRP A 270 20.01 9.45 14.52
C TRP A 270 20.52 10.88 14.23
N HIS A 271 21.86 10.98 14.05
CA HIS A 271 22.57 12.18 13.64
C HIS A 271 22.67 12.25 12.10
N SER A 272 23.09 13.42 11.60
CA SER A 272 23.37 13.56 10.18
C SER A 272 24.86 13.79 9.96
N LEU A 273 25.36 13.29 8.84
CA LEU A 273 26.75 13.44 8.42
C LEU A 273 26.73 13.80 6.95
N THR A 274 27.15 15.03 6.63
CA THR A 274 26.99 15.54 5.26
C THR A 274 28.29 16.05 4.68
N PRO A 275 28.70 15.61 3.46
CA PRO A 275 29.95 16.18 2.90
C PRO A 275 29.72 17.66 2.51
N VAL A 276 30.66 18.56 2.86
CA VAL A 276 30.50 19.98 2.52
C VAL A 276 31.59 20.52 1.58
N SER A 277 32.63 19.75 1.37
CA SER A 277 33.71 20.09 0.46
C SER A 277 34.45 18.79 0.15
N SER A 278 35.51 18.88 -0.66
CA SER A 278 36.35 17.71 -0.94
C SER A 278 37.13 17.26 0.32
N ASP A 279 37.08 18.03 1.43
CA ASP A 279 37.87 17.70 2.62
C ASP A 279 37.12 17.80 3.95
N HIS A 280 35.76 18.02 3.96
CA HIS A 280 35.05 18.18 5.23
C HIS A 280 33.73 17.48 5.29
N LEU A 281 33.43 16.88 6.43
CA LEU A 281 32.14 16.23 6.68
C LEU A 281 31.48 17.03 7.81
N PHE A 282 30.19 17.31 7.73
CA PHE A 282 29.50 18.10 8.75
C PHE A 282 28.57 17.20 9.53
N LEU A 283 28.74 17.16 10.84
CA LEU A 283 27.98 16.33 11.78
C LEU A 283 27.03 17.19 12.60
N PHE A 284 25.77 16.78 12.71
CA PHE A 284 24.82 17.49 13.55
C PHE A 284 23.82 16.57 14.22
N GLY A 285 23.56 16.88 15.49
CA GLY A 285 22.49 16.29 16.26
C GLY A 285 22.61 14.83 16.57
N GLY A 286 21.47 14.22 16.84
CA GLY A 286 21.45 12.82 17.20
C GLY A 286 21.06 12.59 18.64
N PHE A 287 21.35 11.39 19.12
CA PHE A 287 20.90 10.90 20.42
C PHE A 287 22.01 10.07 21.10
N THR A 288 22.37 10.36 22.37
CA THR A 288 23.46 9.58 22.99
C THR A 288 22.98 8.19 23.52
N THR A 289 23.93 7.36 23.98
CA THR A 289 23.66 6.07 24.61
C THR A 289 22.70 6.25 25.80
N ASP A 290 22.86 7.36 26.56
CA ASP A 290 22.02 7.64 27.72
CA ASP A 290 22.00 7.60 27.72
C ASP A 290 20.79 8.48 27.39
N LYS A 291 20.40 8.55 26.11
CA LYS A 291 19.21 9.22 25.62
C LYS A 291 19.18 10.74 25.77
N GLN A 292 20.33 11.40 25.62
CA GLN A 292 20.36 12.84 25.62
C GLN A 292 20.20 13.35 24.19
N PRO A 293 19.17 14.15 23.86
CA PRO A 293 19.09 14.74 22.50
C PRO A 293 20.26 15.73 22.31
N LEU A 294 20.86 15.74 21.11
CA LEU A 294 22.02 16.56 20.84
C LEU A 294 21.76 17.73 19.91
N SER A 295 22.39 18.88 20.21
CA SER A 295 22.38 20.05 19.34
C SER A 295 23.82 20.47 18.93
N ASP A 296 24.84 19.64 19.23
CA ASP A 296 26.22 19.96 18.85
C ASP A 296 26.44 19.71 17.36
N ALA A 297 27.37 20.48 16.79
CA ALA A 297 27.73 20.35 15.38
C ALA A 297 29.25 20.36 15.29
N TRP A 298 29.80 19.61 14.34
CA TRP A 298 31.24 19.50 14.16
C TRP A 298 31.57 19.32 12.69
N THR A 299 32.80 19.67 12.32
CA THR A 299 33.29 19.34 11.01
C THR A 299 34.43 18.36 11.21
N TYR A 300 34.46 17.29 10.42
CA TYR A 300 35.57 16.36 10.44
C TYR A 300 36.39 16.75 9.23
N CYS A 301 37.63 17.11 9.46
CA CYS A 301 38.54 17.50 8.39
C CYS A 301 39.28 16.24 8.02
N ILE A 302 39.05 15.77 6.80
CA ILE A 302 39.60 14.51 6.32
C ILE A 302 41.11 14.52 6.22
N SER A 303 41.68 15.57 5.62
CA SER A 303 43.14 15.68 5.48
C SER A 303 43.87 15.72 6.82
N LYS A 304 43.31 16.43 7.80
CA LYS A 304 43.92 16.54 9.13
C LYS A 304 43.56 15.37 10.05
N ASN A 305 42.51 14.57 9.69
CA ASN A 305 41.97 13.49 10.53
C ASN A 305 41.62 14.06 11.92
N GLU A 306 40.86 15.18 11.91
CA GLU A 306 40.57 15.88 13.17
C GLU A 306 39.16 16.44 13.18
N TRP A 307 38.52 16.39 14.33
CA TRP A 307 37.20 16.96 14.53
C TRP A 307 37.36 18.37 15.06
N ILE A 308 36.54 19.28 14.54
CA ILE A 308 36.52 20.68 14.94
C ILE A 308 35.08 21.04 15.29
N GLN A 309 34.82 21.45 16.54
CA GLN A 309 33.47 21.80 16.95
C GLN A 309 33.01 23.07 16.22
N PHE A 310 31.76 23.07 15.77
CA PHE A 310 31.17 24.15 14.98
C PHE A 310 30.20 24.94 15.81
N ASN A 311 30.43 26.26 15.91
CA ASN A 311 29.57 27.16 16.66
C ASN A 311 28.42 27.59 15.78
N HIS A 312 27.21 27.54 16.33
CA HIS A 312 26.03 27.86 15.54
C HIS A 312 24.90 28.43 16.40
N PRO A 313 23.87 29.05 15.79
CA PRO A 313 22.80 29.66 16.59
C PRO A 313 21.66 28.73 16.97
N TYR A 314 21.83 27.41 16.83
CA TYR A 314 20.74 26.47 17.15
C TYR A 314 21.06 25.55 18.34
N THR A 315 21.76 26.04 19.37
CA THR A 315 22.06 25.21 20.55
C THR A 315 20.78 24.76 21.26
N GLU A 316 19.73 25.61 21.25
CA GLU A 316 18.45 25.24 21.87
C GLU A 316 17.54 24.42 20.95
N LYS A 317 18.07 23.95 19.79
CA LYS A 317 17.33 23.16 18.83
C LYS A 317 17.97 21.79 18.55
N PRO A 318 18.09 20.90 19.56
CA PRO A 318 18.58 19.54 19.27
C PRO A 318 17.64 18.81 18.32
N ARG A 319 18.19 17.93 17.48
CA ARG A 319 17.35 17.20 16.53
C ARG A 319 17.83 15.77 16.41
N LEU A 320 16.88 14.85 16.38
CA LEU A 320 17.17 13.43 16.14
C LEU A 320 16.27 13.00 14.97
N TRP A 321 16.82 12.16 14.10
CA TRP A 321 16.08 11.63 12.94
C TRP A 321 15.65 12.71 11.93
N HIS A 322 16.32 13.86 11.96
CA HIS A 322 16.15 14.93 10.97
C HIS A 322 16.91 14.48 9.70
N THR A 323 16.86 15.31 8.64
CA THR A 323 17.69 15.06 7.46
C THR A 323 18.59 16.29 7.26
N ALA A 324 19.66 16.13 6.50
CA ALA A 324 20.55 17.23 6.20
C ALA A 324 21.01 17.11 4.75
N CYS A 325 20.94 18.22 4.00
CA CYS A 325 21.39 18.25 2.61
C CYS A 325 22.32 19.42 2.44
N ALA A 326 23.41 19.23 1.69
CA ALA A 326 24.34 20.31 1.40
C ALA A 326 23.82 21.12 0.20
N SER A 327 23.92 22.44 0.26
CA SER A 327 23.53 23.28 -0.89
C SER A 327 24.79 23.62 -1.70
N ASP A 328 24.60 24.17 -2.91
CA ASP A 328 25.72 24.64 -3.74
C ASP A 328 26.34 25.93 -3.16
N GLU A 329 25.78 26.50 -2.09
CA GLU A 329 26.27 27.74 -1.46
C GLU A 329 27.08 27.50 -0.17
N GLY A 330 27.49 26.25 0.08
CA GLY A 330 28.25 25.93 1.28
C GLY A 330 27.43 25.62 2.52
N GLU A 331 26.11 25.81 2.43
CA GLU A 331 25.24 25.58 3.58
C GLU A 331 24.79 24.14 3.74
N VAL A 332 24.36 23.80 4.95
CA VAL A 332 23.77 22.51 5.22
C VAL A 332 22.36 22.80 5.67
N ILE A 333 21.38 22.27 4.97
CA ILE A 333 19.99 22.50 5.26
C ILE A 333 19.43 21.30 6.03
N VAL A 334 19.13 21.51 7.31
CA VAL A 334 18.54 20.47 8.15
C VAL A 334 17.03 20.65 8.15
N PHE A 335 16.25 19.55 8.09
CA PHE A 335 14.80 19.63 8.13
C PHE A 335 14.22 18.52 8.99
N GLY A 336 13.16 18.86 9.71
CA GLY A 336 12.40 17.90 10.48
C GLY A 336 13.17 17.30 11.61
N GLY A 337 12.81 16.07 11.93
CA GLY A 337 13.41 15.41 13.08
C GLY A 337 12.67 15.82 14.34
N CYS A 338 13.14 15.28 15.44
CA CYS A 338 12.48 15.47 16.72
C CYS A 338 13.39 16.17 17.74
N ALA A 339 12.87 17.11 18.54
CA ALA A 339 13.71 17.83 19.48
C ALA A 339 13.99 17.07 20.78
N ASN A 340 13.20 16.03 21.08
CA ASN A 340 13.39 15.28 22.32
C ASN A 340 13.42 13.75 22.05
N ASN A 341 13.34 12.93 23.11
CA ASN A 341 13.37 11.48 22.97
C ASN A 341 12.12 11.03 22.25
N LEU A 342 12.25 10.76 20.93
CA LEU A 342 11.07 10.32 20.18
C LEU A 342 10.61 8.91 20.56
N LEU A 343 11.41 8.15 21.36
CA LEU A 343 10.97 6.85 21.86
C LEU A 343 9.75 6.96 22.79
N VAL A 344 9.50 8.17 23.35
CA VAL A 344 8.30 8.40 24.16
C VAL A 344 7.34 9.02 23.17
N HIS A 345 6.62 8.17 22.41
CA HIS A 345 5.82 8.65 21.31
C HIS A 345 4.80 9.74 21.65
N HIS A 346 4.08 9.63 22.80
CA HIS A 346 3.07 10.62 23.17
C HIS A 346 3.63 11.99 23.63
N ARG A 347 4.96 12.07 23.86
CA ARG A 347 5.58 13.33 24.21
C ARG A 347 6.51 13.86 23.09
N ALA A 348 6.69 13.09 21.99
CA ALA A 348 7.62 13.45 20.91
C ALA A 348 7.36 14.86 20.32
N ALA A 349 8.42 15.67 20.20
CA ALA A 349 8.31 17.04 19.65
C ALA A 349 8.85 17.10 18.22
N HIS A 350 8.08 16.54 17.29
CA HIS A 350 8.40 16.50 15.88
C HIS A 350 8.41 17.93 15.32
N SER A 351 9.34 18.21 14.43
CA SER A 351 9.53 19.55 13.93
C SER A 351 9.34 19.68 12.43
N ASN A 352 8.93 20.86 11.98
CA ASN A 352 8.91 21.17 10.55
C ASN A 352 9.89 22.33 10.23
N GLU A 353 10.82 22.63 11.15
CA GLU A 353 11.73 23.74 10.96
C GLU A 353 12.87 23.39 10.04
N ILE A 354 13.32 24.40 9.31
CA ILE A 354 14.51 24.38 8.48
C ILE A 354 15.57 25.11 9.32
N LEU A 355 16.70 24.46 9.54
CA LEU A 355 17.82 25.06 10.26
C LEU A 355 18.94 25.18 9.23
N ILE A 356 19.51 26.38 9.06
CA ILE A 356 20.54 26.59 8.04
C ILE A 356 21.91 26.79 8.64
N PHE A 357 22.83 25.86 8.37
CA PHE A 357 24.18 25.95 8.89
C PHE A 357 25.10 26.49 7.82
N SER A 358 25.79 27.62 8.10
CA SER A 358 26.72 28.21 7.14
C SER A 358 28.09 27.62 7.43
N VAL A 359 28.37 26.48 6.80
CA VAL A 359 29.58 25.70 7.03
C VAL A 359 30.78 26.19 6.22
N GLN A 360 30.60 26.48 4.94
CA GLN A 360 31.66 26.97 4.05
C GLN A 360 31.20 28.25 3.39
N CYS B 28 -6.94 -23.77 6.33
CA CYS B 28 -8.17 -23.19 5.81
C CYS B 28 -8.05 -21.65 5.80
N PRO B 29 -8.72 -21.00 4.85
CA PRO B 29 -8.64 -19.52 4.79
C PRO B 29 -9.37 -18.87 5.97
N ALA B 30 -8.85 -17.73 6.43
CA ALA B 30 -9.47 -17.03 7.55
C ALA B 30 -10.85 -16.53 7.17
N GLU B 31 -11.74 -16.38 8.16
CA GLU B 31 -13.09 -15.85 7.93
C GLU B 31 -12.97 -14.42 7.42
N ARG B 32 -13.94 -14.01 6.60
CA ARG B 32 -13.90 -12.67 6.03
C ARG B 32 -15.21 -12.32 5.37
N SER B 33 -15.48 -11.01 5.22
CA SER B 33 -16.57 -10.48 4.45
C SER B 33 -16.00 -9.45 3.46
N GLY B 34 -16.74 -9.17 2.40
CA GLY B 34 -16.35 -8.12 1.46
C GLY B 34 -15.18 -8.43 0.57
N HIS B 35 -14.78 -9.68 0.55
CA HIS B 35 -13.72 -10.19 -0.31
C HIS B 35 -14.25 -10.31 -1.75
N VAL B 36 -13.38 -10.75 -2.69
CA VAL B 36 -13.85 -11.08 -4.03
C VAL B 36 -13.62 -12.55 -4.25
N ALA B 37 -14.42 -13.16 -5.13
CA ALA B 37 -14.22 -14.54 -5.54
C ALA B 37 -14.66 -14.65 -6.96
N VAL B 38 -13.78 -15.19 -7.78
CA VAL B 38 -14.04 -15.36 -9.19
C VAL B 38 -13.63 -16.78 -9.57
N SER B 39 -14.16 -17.28 -10.68
CA SER B 39 -13.88 -18.66 -11.06
C SER B 39 -13.84 -18.88 -12.56
N ASP B 40 -13.20 -19.97 -12.95
CA ASP B 40 -13.21 -20.45 -14.35
C ASP B 40 -14.15 -21.69 -14.47
N GLY B 41 -15.02 -21.92 -13.48
CA GLY B 41 -15.87 -23.10 -13.47
C GLY B 41 -15.25 -24.27 -12.72
N ARG B 42 -13.93 -24.23 -12.46
CA ARG B 42 -13.26 -25.33 -11.75
C ARG B 42 -12.50 -24.84 -10.52
N HIS B 43 -11.73 -23.75 -10.64
CA HIS B 43 -10.98 -23.17 -9.52
C HIS B 43 -11.59 -21.85 -9.13
N MET B 44 -11.71 -21.59 -7.82
CA MET B 44 -12.28 -20.35 -7.31
C MET B 44 -11.18 -19.56 -6.61
N PHE B 45 -10.88 -18.36 -7.12
CA PHE B 45 -9.84 -17.46 -6.62
C PHE B 45 -10.48 -16.46 -5.67
N VAL B 46 -9.99 -16.39 -4.44
CA VAL B 46 -10.52 -15.52 -3.40
C VAL B 46 -9.43 -14.55 -2.97
N TRP B 47 -9.78 -13.27 -2.88
CA TRP B 47 -8.81 -12.25 -2.48
C TRP B 47 -9.45 -11.18 -1.55
N GLY B 48 -8.62 -10.61 -0.68
CA GLY B 48 -9.01 -9.48 0.15
C GLY B 48 -10.09 -9.69 1.17
N GLY B 49 -10.85 -8.63 1.42
CA GLY B 49 -11.88 -8.64 2.45
C GLY B 49 -11.31 -8.25 3.81
N TYR B 50 -12.18 -8.23 4.83
CA TYR B 50 -11.78 -7.88 6.20
C TYR B 50 -12.49 -8.82 7.21
N LYS B 51 -12.03 -8.80 8.49
CA LYS B 51 -12.64 -9.59 9.55
C LYS B 51 -12.41 -8.85 10.89
N SER B 52 -12.97 -9.35 11.98
CA SER B 52 -12.77 -8.75 13.30
C SER B 52 -11.78 -9.58 14.13
N ASN B 53 -11.33 -9.04 15.28
CA ASN B 53 -10.41 -9.68 16.23
C ASN B 53 -9.00 -9.68 15.71
N TYR B 59 -11.98 -4.39 17.20
CA TYR B 59 -10.93 -4.17 16.21
C TYR B 59 -11.12 -4.98 14.93
N ASP B 60 -11.09 -4.29 13.80
CA ASP B 60 -11.19 -4.91 12.47
C ASP B 60 -9.85 -4.82 11.74
N PHE B 61 -9.65 -5.71 10.77
CA PHE B 61 -8.45 -5.66 9.94
C PHE B 61 -8.67 -6.28 8.58
N TYR B 62 -8.00 -5.72 7.56
CA TYR B 62 -8.10 -6.27 6.23
C TYR B 62 -7.20 -7.52 6.12
N LEU B 63 -7.62 -8.51 5.30
CA LEU B 63 -6.82 -9.73 5.14
C LEU B 63 -5.57 -9.42 4.33
N PRO B 64 -4.48 -10.18 4.51
CA PRO B 64 -3.22 -9.85 3.80
C PRO B 64 -3.34 -9.69 2.30
N ARG B 65 -2.83 -8.55 1.75
CA ARG B 65 -2.98 -8.27 0.31
C ARG B 65 -2.29 -9.26 -0.61
N GLU B 66 -1.17 -9.83 -0.17
CA GLU B 66 -0.39 -10.71 -1.02
C GLU B 66 -0.98 -12.11 -1.16
N GLU B 67 -1.89 -12.52 -0.28
CA GLU B 67 -2.46 -13.87 -0.38
C GLU B 67 -3.52 -14.01 -1.46
N LEU B 68 -3.52 -15.16 -2.14
CA LEU B 68 -4.58 -15.47 -3.08
C LEU B 68 -4.95 -16.90 -2.75
N TRP B 69 -6.19 -17.11 -2.29
CA TRP B 69 -6.64 -18.43 -1.90
C TRP B 69 -7.34 -19.09 -3.09
N ILE B 70 -7.05 -20.37 -3.33
CA ILE B 70 -7.64 -21.07 -4.46
C ILE B 70 -8.41 -22.27 -3.93
N TYR B 71 -9.71 -22.33 -4.19
CA TYR B 71 -10.56 -23.44 -3.79
C TYR B 71 -10.81 -24.27 -5.02
N ASN B 72 -10.46 -25.55 -4.98
CA ASN B 72 -10.71 -26.43 -6.10
C ASN B 72 -12.13 -26.91 -5.92
N MET B 73 -13.05 -26.54 -6.81
CA MET B 73 -14.46 -26.90 -6.68
C MET B 73 -14.73 -28.42 -6.82
N GLU B 74 -13.86 -29.12 -7.53
CA GLU B 74 -14.01 -30.56 -7.72
C GLU B 74 -13.57 -31.38 -6.50
N THR B 75 -12.53 -30.93 -5.78
CA THR B 75 -12.03 -31.69 -4.63
C THR B 75 -12.39 -31.14 -3.27
N GLY B 76 -12.74 -29.85 -3.20
CA GLY B 76 -13.06 -29.21 -1.93
C GLY B 76 -11.84 -28.78 -1.13
N ARG B 77 -10.65 -28.75 -1.77
CA ARG B 77 -9.42 -28.37 -1.07
C ARG B 77 -8.99 -26.96 -1.39
N TRP B 78 -8.34 -26.32 -0.42
CA TRP B 78 -7.82 -24.96 -0.55
C TRP B 78 -6.30 -24.95 -0.76
N LYS B 79 -5.81 -23.91 -1.42
CA LYS B 79 -4.38 -23.76 -1.67
C LYS B 79 -4.05 -22.27 -1.56
N LYS B 80 -3.13 -21.89 -0.65
CA LYS B 80 -2.76 -20.48 -0.52
C LYS B 80 -1.50 -20.18 -1.31
N ILE B 81 -1.56 -19.17 -2.19
CA ILE B 81 -0.37 -18.78 -2.94
C ILE B 81 -0.08 -17.30 -2.69
N ASN B 82 1.20 -16.93 -2.64
CA ASN B 82 1.57 -15.54 -2.39
C ASN B 82 1.88 -14.88 -3.74
N THR B 83 1.35 -13.68 -3.97
CA THR B 83 1.53 -12.99 -5.23
C THR B 83 2.53 -11.82 -5.10
N GLU B 84 3.03 -11.33 -6.23
CA GLU B 84 3.99 -10.23 -6.28
C GLU B 84 3.54 -9.15 -7.32
N GLY B 85 4.46 -8.25 -7.69
CA GLY B 85 4.17 -7.21 -8.66
C GLY B 85 3.45 -6.04 -8.04
N ASP B 86 2.48 -5.47 -8.79
CA ASP B 86 1.72 -4.31 -8.35
C ASP B 86 0.57 -4.77 -7.46
N VAL B 87 0.90 -5.37 -6.31
CA VAL B 87 -0.12 -5.90 -5.42
C VAL B 87 -1.07 -4.80 -4.96
N PRO B 88 -2.38 -4.96 -5.21
CA PRO B 88 -3.30 -3.91 -4.77
C PRO B 88 -3.31 -3.81 -3.25
N PRO B 89 -3.68 -2.65 -2.69
CA PRO B 89 -3.84 -2.57 -1.23
C PRO B 89 -4.96 -3.51 -0.79
N SER B 90 -4.89 -4.02 0.47
CA SER B 90 -5.92 -4.90 1.01
C SER B 90 -7.24 -4.13 1.02
N MET B 91 -8.31 -4.70 0.44
CA MET B 91 -9.57 -3.95 0.37
C MET B 91 -10.82 -4.81 0.60
N SER B 92 -11.89 -4.15 0.97
CA SER B 92 -13.21 -4.78 0.95
C SER B 92 -14.00 -4.06 -0.19
N GLY B 93 -15.02 -4.73 -0.72
CA GLY B 93 -15.89 -4.10 -1.69
C GLY B 93 -15.38 -3.94 -3.11
N SER B 94 -14.23 -4.59 -3.44
CA SER B 94 -13.68 -4.50 -4.79
C SER B 94 -14.54 -5.32 -5.71
N CYS B 95 -14.40 -5.07 -7.00
CA CYS B 95 -15.23 -5.73 -7.99
C CYS B 95 -14.30 -6.48 -8.95
N ALA B 96 -14.45 -7.81 -9.05
CA ALA B 96 -13.53 -8.60 -9.86
C ALA B 96 -14.21 -9.56 -10.83
N VAL B 97 -13.45 -9.97 -11.87
CA VAL B 97 -13.89 -10.91 -12.89
C VAL B 97 -12.78 -11.92 -13.23
N CYS B 98 -13.16 -13.04 -13.86
CA CYS B 98 -12.18 -13.99 -14.36
C CYS B 98 -12.56 -14.22 -15.81
N VAL B 99 -11.70 -13.81 -16.75
CA VAL B 99 -11.98 -14.01 -18.18
C VAL B 99 -10.83 -14.79 -18.75
N ASP B 100 -11.06 -16.02 -19.27
CA ASP B 100 -9.95 -16.84 -19.82
C ASP B 100 -8.79 -17.00 -18.82
N ARG B 101 -9.11 -17.12 -17.52
CA ARG B 101 -8.13 -17.28 -16.45
C ARG B 101 -7.25 -16.05 -16.20
N VAL B 102 -7.67 -14.90 -16.72
CA VAL B 102 -7.02 -13.62 -16.45
C VAL B 102 -7.98 -12.90 -15.54
N LEU B 103 -7.52 -12.60 -14.33
CA LEU B 103 -8.37 -11.93 -13.33
C LEU B 103 -8.24 -10.42 -13.48
N TYR B 104 -9.35 -9.68 -13.30
CA TYR B 104 -9.30 -8.21 -13.36
C TYR B 104 -10.01 -7.69 -12.14
N LEU B 105 -9.46 -6.64 -11.52
CA LEU B 105 -9.98 -6.13 -10.26
C LEU B 105 -10.15 -4.61 -10.39
N PHE B 106 -11.32 -4.10 -10.01
CA PHE B 106 -11.58 -2.68 -10.04
C PHE B 106 -12.12 -2.18 -8.71
N GLY B 107 -11.67 -0.99 -8.28
CA GLY B 107 -12.27 -0.32 -7.12
C GLY B 107 -12.07 -1.03 -5.81
N GLY B 108 -12.86 -0.62 -4.81
CA GLY B 108 -12.74 -1.17 -3.49
C GLY B 108 -12.53 -0.08 -2.45
N HIS B 109 -12.33 -0.52 -1.20
CA HIS B 109 -12.12 0.41 -0.09
C HIS B 109 -10.98 -0.11 0.75
N HIS B 110 -9.94 0.70 0.92
CA HIS B 110 -8.81 0.35 1.78
C HIS B 110 -8.78 1.31 3.01
N SER B 111 -7.72 1.22 3.81
CA SER B 111 -7.54 2.05 4.99
C SER B 111 -7.66 3.57 4.68
N ARG B 112 -7.33 4.00 3.46
CA ARG B 112 -7.46 5.40 3.08
C ARG B 112 -8.66 5.71 2.17
N GLY B 113 -9.68 4.86 2.20
CA GLY B 113 -10.90 5.11 1.44
C GLY B 113 -11.05 4.40 0.12
N ASN B 114 -11.92 4.96 -0.74
CA ASN B 114 -12.22 4.34 -2.03
C ASN B 114 -11.19 4.59 -3.08
N THR B 115 -11.20 3.72 -4.11
CA THR B 115 -10.28 3.80 -5.23
C THR B 115 -10.96 3.49 -6.55
N ASN B 116 -10.34 3.93 -7.66
CA ASN B 116 -10.79 3.63 -9.01
C ASN B 116 -9.68 2.97 -9.84
N LYS B 117 -8.65 2.41 -9.17
CA LYS B 117 -7.59 1.70 -9.85
C LYS B 117 -8.07 0.36 -10.39
N PHE B 118 -7.43 -0.07 -11.46
CA PHE B 118 -7.74 -1.28 -12.19
C PHE B 118 -6.48 -2.12 -12.33
N TYR B 119 -6.57 -3.41 -11.94
CA TYR B 119 -5.48 -4.38 -11.90
C TYR B 119 -5.81 -5.63 -12.69
N MET B 120 -4.79 -6.29 -13.19
CA MET B 120 -4.91 -7.55 -13.90
C MET B 120 -3.99 -8.56 -13.20
N LEU B 121 -4.43 -9.81 -13.05
CA LEU B 121 -3.61 -10.91 -12.48
C LEU B 121 -3.76 -12.10 -13.45
N ASP B 122 -2.73 -12.34 -14.29
CA ASP B 122 -2.80 -13.43 -15.25
C ASP B 122 -2.55 -14.71 -14.47
N SER B 123 -3.57 -15.56 -14.36
CA SER B 123 -3.41 -16.80 -13.60
C SER B 123 -3.26 -18.04 -14.45
N ARG B 124 -3.07 -17.89 -15.77
CA ARG B 124 -2.93 -19.03 -16.70
C ARG B 124 -1.67 -19.83 -16.41
N SER B 125 -0.60 -19.15 -16.02
CA SER B 125 0.65 -19.78 -15.65
C SER B 125 0.48 -20.37 -14.25
N THR B 126 0.02 -21.64 -14.16
CA THR B 126 -0.17 -22.34 -12.87
C THR B 126 1.17 -22.41 -12.13
N ASP B 127 2.24 -22.70 -12.86
CA ASP B 127 3.59 -22.72 -12.33
C ASP B 127 4.17 -21.30 -12.51
N ARG B 128 5.01 -20.85 -11.55
CA ARG B 128 5.65 -19.53 -11.49
C ARG B 128 4.83 -18.58 -10.61
N VAL B 129 5.50 -17.72 -9.86
CA VAL B 129 4.85 -16.77 -8.95
C VAL B 129 3.99 -15.77 -9.72
N LEU B 130 2.71 -15.65 -9.32
CA LEU B 130 1.79 -14.74 -10.00
C LEU B 130 2.10 -13.27 -9.76
N GLN B 131 2.01 -12.45 -10.81
CA GLN B 131 2.29 -11.02 -10.72
C GLN B 131 1.10 -10.13 -11.04
N TRP B 132 0.75 -9.27 -10.09
CA TRP B 132 -0.32 -8.31 -10.29
C TRP B 132 0.23 -7.21 -11.20
N GLU B 133 -0.62 -6.66 -12.04
CA GLU B 133 -0.27 -5.58 -12.94
C GLU B 133 -1.31 -4.47 -12.80
N ARG B 134 -0.92 -3.29 -12.34
CA ARG B 134 -1.80 -2.14 -12.26
C ARG B 134 -1.78 -1.53 -13.66
N ILE B 135 -2.96 -1.43 -14.26
CA ILE B 135 -3.05 -0.93 -15.61
C ILE B 135 -3.33 0.54 -15.66
N ASP B 136 -2.49 1.33 -16.35
CA ASP B 136 -2.77 2.76 -16.48
C ASP B 136 -3.69 2.90 -17.69
N CYS B 137 -4.98 2.86 -17.44
CA CYS B 137 -5.99 2.87 -18.49
C CYS B 137 -6.14 4.20 -19.20
N GLN B 138 -6.47 4.17 -20.49
CA GLN B 138 -6.77 5.37 -21.23
C GLN B 138 -8.26 5.73 -20.98
N GLY B 139 -8.64 6.96 -21.28
CA GLY B 139 -10.01 7.40 -21.08
C GLY B 139 -10.29 7.88 -19.66
N ILE B 140 -11.55 8.27 -19.38
CA ILE B 140 -11.93 8.77 -18.06
C ILE B 140 -12.43 7.61 -17.19
N PRO B 141 -11.75 7.31 -16.07
CA PRO B 141 -12.17 6.17 -15.26
C PRO B 141 -13.45 6.46 -14.51
N PRO B 142 -14.13 5.42 -13.99
CA PRO B 142 -15.27 5.68 -13.11
C PRO B 142 -14.78 6.41 -11.83
N SER B 143 -15.71 6.97 -11.09
CA SER B 143 -15.38 7.60 -9.81
C SER B 143 -14.92 6.54 -8.82
N SER B 144 -14.11 6.95 -7.82
CA SER B 144 -13.63 5.98 -6.82
C SER B 144 -14.81 5.44 -6.02
N LYS B 145 -14.92 4.11 -5.96
CA LYS B 145 -16.11 3.48 -5.38
C LYS B 145 -15.89 2.01 -5.04
N ASP B 146 -16.83 1.45 -4.26
CA ASP B 146 -16.84 0.02 -3.93
C ASP B 146 -18.29 -0.48 -4.00
N LYS B 147 -18.48 -1.74 -3.70
CA LYS B 147 -19.81 -2.36 -3.59
C LYS B 147 -20.65 -2.12 -4.84
N LEU B 148 -20.06 -2.50 -5.96
CA LEU B 148 -20.70 -2.34 -7.28
C LEU B 148 -20.93 -3.72 -7.95
N GLY B 149 -21.09 -3.72 -9.26
CA GLY B 149 -21.26 -4.95 -10.01
C GLY B 149 -20.67 -4.83 -11.40
N VAL B 150 -20.52 -5.98 -12.06
CA VAL B 150 -19.95 -6.01 -13.39
C VAL B 150 -20.55 -7.12 -14.23
N TRP B 151 -20.63 -6.83 -15.52
CA TRP B 151 -21.04 -7.79 -16.53
C TRP B 151 -19.87 -7.98 -17.49
N VAL B 152 -19.64 -9.19 -17.93
CA VAL B 152 -18.58 -9.49 -18.92
C VAL B 152 -19.28 -9.81 -20.22
N TYR B 153 -18.88 -9.16 -21.31
CA TYR B 153 -19.49 -9.42 -22.60
C TYR B 153 -18.41 -9.25 -23.64
N LYS B 154 -17.92 -10.37 -24.18
CA LYS B 154 -16.85 -10.38 -25.18
C LYS B 154 -15.62 -9.61 -24.64
N ASN B 155 -15.11 -8.61 -25.36
CA ASN B 155 -13.96 -7.84 -24.94
C ASN B 155 -14.24 -6.78 -23.88
N LYS B 156 -15.52 -6.56 -23.51
CA LYS B 156 -15.85 -5.49 -22.60
C LYS B 156 -16.10 -5.95 -21.16
N LEU B 157 -15.64 -5.16 -20.20
CA LEU B 157 -16.03 -5.34 -18.79
C LEU B 157 -16.95 -4.15 -18.54
N ILE B 158 -18.20 -4.40 -18.12
CA ILE B 158 -19.19 -3.33 -17.94
C ILE B 158 -19.52 -3.18 -16.48
N PHE B 159 -19.13 -2.06 -15.88
CA PHE B 159 -19.36 -1.83 -14.46
C PHE B 159 -20.56 -0.95 -14.22
N PHE B 160 -21.33 -1.27 -13.15
CA PHE B 160 -22.56 -0.56 -12.83
C PHE B 160 -22.63 -0.20 -11.35
N GLY B 161 -22.99 1.06 -11.08
CA GLY B 161 -23.31 1.52 -9.74
C GLY B 161 -22.18 1.58 -8.74
N GLY B 162 -22.54 1.56 -7.46
CA GLY B 162 -21.53 1.60 -6.40
C GLY B 162 -21.67 2.76 -5.45
N TYR B 163 -20.75 2.83 -4.45
CA TYR B 163 -20.78 3.85 -3.40
C TYR B 163 -19.37 4.41 -3.32
N GLY B 164 -19.28 5.73 -3.30
CA GLY B 164 -17.97 6.37 -3.20
C GLY B 164 -18.06 7.87 -3.27
N TYR B 165 -16.95 8.48 -3.63
CA TYR B 165 -16.87 9.94 -3.65
C TYR B 165 -17.66 10.55 -4.81
N LEU B 166 -17.93 11.87 -4.72
CA LEU B 166 -18.56 12.62 -5.82
C LEU B 166 -17.64 12.51 -7.04
N PRO B 167 -18.22 12.17 -8.20
CA PRO B 167 -17.38 12.01 -9.41
C PRO B 167 -16.60 13.29 -9.74
N GLU B 168 -15.33 13.13 -10.13
CA GLU B 168 -14.33 14.14 -10.49
C GLU B 168 -14.95 15.31 -11.27
N ASP B 169 -15.76 14.99 -12.28
CA ASP B 169 -16.53 15.98 -13.07
C ASP B 169 -17.97 15.46 -13.36
N LYS B 170 -18.79 16.27 -14.06
CA LYS B 170 -20.14 15.90 -14.48
C LYS B 170 -20.10 14.98 -15.72
N VAL B 171 -20.06 13.63 -15.51
CA VAL B 171 -20.03 12.57 -16.55
C VAL B 171 -21.46 11.96 -16.80
N LEU B 172 -21.64 10.85 -17.59
CA LEU B 172 -22.99 10.34 -17.89
C LEU B 172 -23.61 9.58 -16.72
N GLY B 173 -24.79 10.01 -16.31
CA GLY B 173 -25.50 9.36 -15.22
C GLY B 173 -25.76 10.28 -14.05
N THR B 174 -26.21 9.72 -12.93
CA THR B 174 -26.54 10.50 -11.76
C THR B 174 -25.84 9.97 -10.51
N PHE B 175 -25.65 10.85 -9.54
CA PHE B 175 -25.04 10.52 -8.27
C PHE B 175 -25.90 11.15 -7.18
N GLU B 176 -26.18 10.42 -6.11
CA GLU B 176 -26.95 10.99 -4.98
C GLU B 176 -26.17 10.79 -3.70
N PHE B 177 -25.92 11.87 -2.96
CA PHE B 177 -25.15 11.76 -1.72
C PHE B 177 -25.93 10.98 -0.66
N ASP B 178 -25.19 10.27 0.17
CA ASP B 178 -25.70 9.57 1.34
C ASP B 178 -25.50 10.57 2.50
N GLU B 179 -26.58 11.14 3.03
CA GLU B 179 -26.50 12.16 4.10
C GLU B 179 -25.82 11.71 5.39
N THR B 180 -25.79 10.39 5.65
CA THR B 180 -25.11 9.86 6.83
C THR B 180 -23.58 10.01 6.73
N SER B 181 -23.03 10.20 5.50
CA SER B 181 -21.61 10.40 5.30
C SER B 181 -21.13 11.84 5.53
N PHE B 182 -22.05 12.80 5.75
CA PHE B 182 -21.68 14.22 5.83
C PHE B 182 -21.02 14.66 7.14
N TRP B 183 -21.27 13.97 8.27
CA TRP B 183 -20.79 14.47 9.56
C TRP B 183 -19.78 13.61 10.31
N ASN B 184 -19.49 12.39 9.85
CA ASN B 184 -18.52 11.53 10.54
C ASN B 184 -17.36 11.12 9.65
N SER B 185 -17.04 11.93 8.64
CA SER B 185 -15.97 11.60 7.70
C SER B 185 -15.39 12.83 7.02
N SER B 186 -14.17 12.71 6.50
CA SER B 186 -13.47 13.79 5.83
C SER B 186 -13.86 13.99 4.35
N HIS B 187 -14.67 13.07 3.79
CA HIS B 187 -15.06 13.15 2.38
C HIS B 187 -16.46 12.58 2.21
N PRO B 188 -17.47 13.40 1.87
CA PRO B 188 -18.83 12.85 1.71
C PRO B 188 -18.91 11.81 0.58
N ARG B 189 -19.84 10.85 0.70
CA ARG B 189 -19.98 9.78 -0.31
C ARG B 189 -21.45 9.54 -0.66
N GLY B 190 -21.67 8.81 -1.77
CA GLY B 190 -23.01 8.52 -2.22
C GLY B 190 -23.06 7.44 -3.27
N TRP B 191 -24.28 7.22 -3.78
CA TRP B 191 -24.57 6.17 -4.75
C TRP B 191 -24.60 6.71 -6.17
N ASN B 192 -24.29 5.85 -7.15
CA ASN B 192 -24.34 6.22 -8.54
C ASN B 192 -25.07 5.12 -9.35
N ASP B 193 -25.58 5.52 -10.52
CA ASP B 193 -26.22 4.56 -11.43
C ASP B 193 -25.34 4.45 -12.73
N HIS B 194 -24.05 4.77 -12.62
CA HIS B 194 -23.17 4.87 -13.77
C HIS B 194 -22.89 3.57 -14.44
N VAL B 195 -22.80 3.62 -15.77
CA VAL B 195 -22.41 2.46 -16.55
C VAL B 195 -21.08 2.84 -17.21
N HIS B 196 -20.02 2.06 -16.99
CA HIS B 196 -18.73 2.29 -17.61
C HIS B 196 -18.25 1.01 -18.28
N ILE B 197 -17.63 1.14 -19.42
CA ILE B 197 -17.02 0.01 -20.10
C ILE B 197 -15.50 0.12 -20.00
N LEU B 198 -14.82 -0.98 -19.66
CA LEU B 198 -13.37 -1.07 -19.76
C LEU B 198 -13.19 -2.03 -20.95
N ASP B 199 -12.66 -1.53 -22.07
CA ASP B 199 -12.50 -2.35 -23.27
C ASP B 199 -11.16 -3.01 -23.16
N THR B 200 -11.12 -4.34 -23.02
CA THR B 200 -9.84 -5.03 -22.84
C THR B 200 -8.98 -5.09 -24.11
N GLU B 201 -9.52 -4.68 -25.28
CA GLU B 201 -8.70 -4.63 -26.50
C GLU B 201 -7.65 -3.51 -26.37
N THR B 202 -8.02 -2.40 -25.68
CA THR B 202 -7.11 -1.26 -25.59
C THR B 202 -6.91 -0.71 -24.18
N PHE B 203 -7.57 -1.34 -23.16
CA PHE B 203 -7.57 -0.87 -21.78
C PHE B 203 -8.01 0.60 -21.72
N THR B 204 -9.13 0.88 -22.40
CA THR B 204 -9.72 2.21 -22.49
C THR B 204 -11.12 2.19 -21.86
N TRP B 205 -11.37 3.21 -21.02
CA TRP B 205 -12.63 3.47 -20.35
C TRP B 205 -13.52 4.31 -21.26
N SER B 206 -14.81 4.06 -21.19
CA SER B 206 -15.81 4.83 -21.92
C SER B 206 -17.16 4.63 -21.25
N GLN B 207 -18.16 5.39 -21.69
CA GLN B 207 -19.51 5.21 -21.18
C GLN B 207 -20.42 5.08 -22.38
N PRO B 208 -21.20 4.01 -22.43
CA PRO B 208 -22.15 3.88 -23.54
C PRO B 208 -23.33 4.85 -23.37
N ILE B 209 -23.91 5.27 -24.49
CA ILE B 209 -25.11 6.08 -24.47
C ILE B 209 -26.24 5.06 -24.37
N THR B 210 -26.98 5.07 -23.27
CA THR B 210 -28.05 4.11 -23.10
C THR B 210 -29.41 4.66 -23.42
N THR B 211 -30.36 3.78 -23.69
CA THR B 211 -31.78 4.14 -23.86
C THR B 211 -32.57 3.40 -22.76
N GLY B 212 -33.80 3.81 -22.55
CA GLY B 212 -34.61 3.24 -21.47
C GLY B 212 -34.25 3.89 -20.15
N LYS B 213 -34.94 3.50 -19.10
CA LYS B 213 -34.71 4.08 -17.76
C LYS B 213 -33.75 3.24 -16.97
N ALA B 214 -32.59 3.79 -16.63
CA ALA B 214 -31.62 3.03 -15.82
C ALA B 214 -32.20 2.82 -14.41
N PRO B 215 -31.78 1.76 -13.71
CA PRO B 215 -32.20 1.61 -12.31
C PRO B 215 -31.70 2.82 -11.52
N SER B 216 -32.32 3.11 -10.37
CA SER B 216 -31.86 4.19 -9.51
C SER B 216 -30.37 3.97 -9.11
N PRO B 217 -29.64 5.03 -8.73
CA PRO B 217 -28.31 4.81 -8.13
C PRO B 217 -28.39 3.80 -6.97
N ARG B 218 -27.35 2.99 -6.78
CA ARG B 218 -27.37 1.97 -5.73
C ARG B 218 -26.02 1.37 -5.52
N ALA B 219 -25.86 0.74 -4.36
CA ALA B 219 -24.66 -0.02 -4.06
C ALA B 219 -25.07 -1.33 -3.37
N ALA B 220 -24.17 -2.32 -3.37
CA ALA B 220 -24.44 -3.63 -2.76
C ALA B 220 -25.57 -4.38 -3.48
N HIS B 221 -25.85 -3.98 -4.71
CA HIS B 221 -26.73 -4.70 -5.62
C HIS B 221 -25.91 -5.94 -6.11
N ALA B 222 -26.51 -6.80 -6.95
CA ALA B 222 -25.81 -7.95 -7.50
C ALA B 222 -26.13 -8.02 -8.98
N CYS B 223 -25.09 -8.29 -9.79
CA CYS B 223 -25.14 -8.38 -11.24
C CYS B 223 -24.90 -9.82 -11.69
N ALA B 224 -25.59 -10.24 -12.77
CA ALA B 224 -25.35 -11.55 -13.35
C ALA B 224 -25.53 -11.41 -14.87
N THR B 225 -24.70 -12.07 -15.66
CA THR B 225 -24.80 -11.94 -17.12
C THR B 225 -25.22 -13.25 -17.73
N VAL B 226 -26.15 -13.20 -18.70
CA VAL B 226 -26.53 -14.36 -19.49
C VAL B 226 -26.62 -13.85 -20.91
N GLY B 227 -25.70 -14.32 -21.73
CA GLY B 227 -25.53 -13.89 -23.11
C GLY B 227 -25.28 -12.40 -23.20
N ASN B 228 -26.18 -11.71 -23.91
CA ASN B 228 -26.05 -10.27 -24.05
C ASN B 228 -26.98 -9.53 -23.07
N ARG B 229 -27.44 -10.17 -21.98
CA ARG B 229 -28.26 -9.46 -20.99
C ARG B 229 -27.52 -9.38 -19.67
N GLY B 230 -27.38 -8.17 -19.20
CA GLY B 230 -26.70 -7.89 -17.94
C GLY B 230 -27.74 -7.61 -16.89
N PHE B 231 -28.07 -8.61 -16.08
CA PHE B 231 -29.11 -8.46 -15.05
C PHE B 231 -28.58 -7.75 -13.82
N VAL B 232 -29.47 -7.07 -13.10
CA VAL B 232 -29.11 -6.43 -11.85
C VAL B 232 -30.32 -6.53 -10.91
N PHE B 233 -30.08 -6.96 -9.68
CA PHE B 233 -31.18 -7.14 -8.72
C PHE B 233 -30.84 -6.44 -7.42
N GLY B 234 -31.85 -5.78 -6.87
CA GLY B 234 -31.74 -5.23 -5.52
C GLY B 234 -30.68 -4.18 -5.32
N GLY B 235 -30.23 -4.08 -4.08
CA GLY B 235 -29.24 -3.09 -3.70
C GLY B 235 -29.80 -2.04 -2.75
N ARG B 236 -28.91 -1.21 -2.21
CA ARG B 236 -29.32 -0.17 -1.26
C ARG B 236 -29.36 1.18 -1.97
N TYR B 237 -30.39 1.99 -1.66
CA TYR B 237 -30.49 3.34 -2.20
C TYR B 237 -31.34 4.13 -1.19
N ARG B 238 -30.80 5.23 -0.68
CA ARG B 238 -31.46 6.08 0.31
C ARG B 238 -31.82 5.24 1.55
N ASP B 239 -33.09 5.12 1.91
CA ASP B 239 -33.51 4.36 3.10
C ASP B 239 -34.01 2.96 2.80
N ALA B 240 -33.78 2.45 1.58
CA ALA B 240 -34.33 1.15 1.20
C ALA B 240 -33.31 0.18 0.67
N ARG B 241 -33.59 -1.11 0.87
CA ARG B 241 -32.85 -2.22 0.28
C ARG B 241 -33.94 -2.81 -0.63
N MET B 242 -33.70 -2.67 -1.94
CA MET B 242 -34.68 -2.88 -3.03
C MET B 242 -34.89 -4.30 -3.56
N ASN B 243 -36.08 -4.47 -4.19
CA ASN B 243 -36.51 -5.75 -4.72
C ASN B 243 -36.69 -5.71 -6.24
N ASP B 244 -36.13 -4.70 -6.94
CA ASP B 244 -36.35 -4.55 -8.36
C ASP B 244 -35.33 -5.32 -9.20
N LEU B 245 -35.75 -5.69 -10.39
CA LEU B 245 -34.90 -6.47 -11.26
C LEU B 245 -34.92 -5.83 -12.66
N HIS B 246 -33.72 -5.60 -13.22
CA HIS B 246 -33.60 -4.99 -14.54
C HIS B 246 -32.53 -5.74 -15.34
N TYR B 247 -32.47 -5.47 -16.66
CA TYR B 247 -31.32 -5.91 -17.45
C TYR B 247 -30.96 -4.84 -18.44
N LEU B 248 -29.67 -4.74 -18.73
CA LEU B 248 -29.17 -3.86 -19.76
C LEU B 248 -28.80 -4.76 -20.94
N ASN B 249 -29.31 -4.46 -22.13
CA ASN B 249 -28.93 -5.22 -23.32
C ASN B 249 -27.53 -4.77 -23.66
N LEU B 250 -26.55 -5.68 -23.63
CA LEU B 250 -25.13 -5.34 -23.79
C LEU B 250 -24.67 -5.16 -25.26
N ASP B 251 -25.61 -5.33 -26.21
CA ASP B 251 -25.38 -5.13 -27.65
C ASP B 251 -25.95 -3.77 -28.05
N THR B 252 -27.18 -3.45 -27.57
CA THR B 252 -27.90 -2.23 -27.93
C THR B 252 -27.82 -1.09 -26.92
N TRP B 253 -27.52 -1.43 -25.66
CA TRP B 253 -27.46 -0.50 -24.54
C TRP B 253 -28.84 0.01 -24.13
N GLU B 254 -29.86 -0.83 -24.29
CA GLU B 254 -31.22 -0.52 -23.89
C GLU B 254 -31.50 -1.13 -22.50
N TRP B 255 -31.94 -0.32 -21.54
CA TRP B 255 -32.31 -0.80 -20.22
C TRP B 255 -33.75 -1.31 -20.28
N ASN B 256 -34.04 -2.36 -19.52
CA ASN B 256 -35.38 -2.92 -19.44
C ASN B 256 -35.67 -3.25 -17.97
N GLU B 257 -36.88 -2.93 -17.48
CA GLU B 257 -37.26 -3.33 -16.11
C GLU B 257 -38.09 -4.61 -16.22
N LEU B 258 -37.76 -5.61 -15.43
CA LEU B 258 -38.49 -6.86 -15.43
C LEU B 258 -39.55 -6.80 -14.34
N ILE B 259 -40.78 -7.18 -14.70
CA ILE B 259 -41.87 -7.19 -13.73
C ILE B 259 -42.36 -8.64 -13.62
N PRO B 260 -41.66 -9.52 -12.85
CA PRO B 260 -42.16 -10.89 -12.71
C PRO B 260 -43.52 -10.90 -12.03
N GLN B 261 -44.38 -11.83 -12.40
CA GLN B 261 -45.70 -11.90 -11.78
C GLN B 261 -45.67 -12.84 -10.59
N GLY B 262 -46.56 -12.60 -9.64
CA GLY B 262 -46.66 -13.41 -8.46
C GLY B 262 -45.65 -13.00 -7.41
N ILE B 263 -45.31 -13.93 -6.54
CA ILE B 263 -44.40 -13.68 -5.42
C ILE B 263 -42.98 -13.39 -5.88
N CYS B 264 -42.36 -12.36 -5.31
CA CYS B 264 -40.99 -11.93 -5.57
C CYS B 264 -40.21 -12.01 -4.25
N PRO B 265 -38.90 -12.20 -4.33
CA PRO B 265 -38.09 -12.20 -3.09
C PRO B 265 -38.12 -10.84 -2.40
N VAL B 266 -37.90 -10.85 -1.11
CA VAL B 266 -37.89 -9.58 -0.34
C VAL B 266 -36.71 -8.70 -0.77
N GLY B 267 -36.91 -7.39 -0.75
CA GLY B 267 -35.85 -6.42 -1.11
C GLY B 267 -34.63 -6.59 -0.22
N ARG B 268 -33.44 -6.39 -0.79
CA ARG B 268 -32.23 -6.65 -0.03
C ARG B 268 -31.01 -6.06 -0.69
N SER B 269 -29.93 -5.98 0.08
CA SER B 269 -28.58 -5.68 -0.43
C SER B 269 -27.64 -6.79 0.09
N TRP B 270 -26.42 -6.80 -0.41
CA TRP B 270 -25.38 -7.72 0.08
C TRP B 270 -25.67 -9.21 -0.19
N HIS B 271 -26.57 -9.44 -1.17
CA HIS B 271 -26.94 -10.76 -1.65
C HIS B 271 -26.07 -11.13 -2.86
N SER B 272 -26.15 -12.41 -3.27
CA SER B 272 -25.45 -12.84 -4.46
C SER B 272 -26.48 -13.22 -5.53
N LEU B 273 -26.12 -13.00 -6.80
CA LEU B 273 -26.96 -13.34 -7.95
C LEU B 273 -26.02 -13.98 -8.96
N THR B 274 -26.24 -15.27 -9.25
CA THR B 274 -25.29 -16.02 -10.05
C THR B 274 -25.96 -16.73 -11.22
N PRO B 275 -25.48 -16.59 -12.45
CA PRO B 275 -26.11 -17.35 -13.55
C PRO B 275 -25.79 -18.85 -13.39
N VAL B 276 -26.79 -19.74 -13.56
CA VAL B 276 -26.53 -21.18 -13.43
C VAL B 276 -26.82 -21.98 -14.71
N SER B 277 -27.43 -21.34 -15.68
CA SER B 277 -27.72 -21.95 -16.98
C SER B 277 -28.04 -20.80 -17.95
N SER B 278 -28.38 -21.14 -19.21
CA SER B 278 -28.76 -20.10 -20.17
C SER B 278 -30.14 -19.48 -19.81
N ASP B 279 -30.84 -20.01 -18.80
CA ASP B 279 -32.17 -19.55 -18.46
C ASP B 279 -32.44 -19.34 -16.99
N HIS B 280 -31.41 -19.43 -16.09
CA HIS B 280 -31.67 -19.28 -14.66
C HIS B 280 -30.63 -18.45 -13.92
N LEU B 281 -31.09 -17.63 -12.99
CA LEU B 281 -30.20 -16.86 -12.10
C LEU B 281 -30.46 -17.37 -10.68
N PHE B 282 -29.41 -17.55 -9.87
CA PHE B 282 -29.57 -18.05 -8.51
C PHE B 282 -29.28 -16.94 -7.52
N LEU B 283 -30.25 -16.68 -6.64
CA LEU B 283 -30.20 -15.63 -5.62
C LEU B 283 -30.02 -16.23 -4.24
N PHE B 284 -29.09 -15.70 -3.46
CA PHE B 284 -28.92 -16.16 -2.10
C PHE B 284 -28.54 -15.06 -1.13
N GLY B 285 -29.17 -15.08 0.04
CA GLY B 285 -28.80 -14.27 1.17
C GLY B 285 -29.00 -12.79 1.06
N GLY B 286 -28.26 -12.05 1.87
CA GLY B 286 -28.38 -10.61 1.86
C GLY B 286 -28.98 -10.08 3.15
N PHE B 287 -29.44 -8.83 3.10
CA PHE B 287 -29.87 -8.07 4.24
C PHE B 287 -31.10 -7.23 3.88
N THR B 288 -32.20 -7.29 4.67
CA THR B 288 -33.39 -6.53 4.30
C THR B 288 -33.29 -5.05 4.70
N THR B 289 -34.29 -4.23 4.29
CA THR B 289 -34.40 -2.81 4.69
C THR B 289 -34.40 -2.69 6.22
N ASP B 290 -35.08 -3.63 6.92
CA ASP B 290 -35.16 -3.60 8.38
CA ASP B 290 -35.15 -3.57 8.39
C ASP B 290 -34.05 -4.39 9.07
N LYS B 291 -32.94 -4.68 8.36
CA LYS B 291 -31.75 -5.32 8.87
C LYS B 291 -31.90 -6.78 9.29
N GLN B 292 -32.73 -7.54 8.57
CA GLN B 292 -32.85 -8.95 8.85
C GLN B 292 -31.84 -9.70 7.98
N PRO B 293 -30.88 -10.46 8.54
CA PRO B 293 -30.00 -11.29 7.70
C PRO B 293 -30.83 -12.38 7.01
N LEU B 294 -30.55 -12.68 5.75
CA LEU B 294 -31.33 -13.63 4.97
C LEU B 294 -30.61 -14.92 4.67
N SER B 295 -31.34 -16.04 4.73
CA SER B 295 -30.85 -17.35 4.31
C SER B 295 -31.74 -17.95 3.18
N ASP B 296 -32.67 -17.16 2.60
CA ASP B 296 -33.52 -17.66 1.52
C ASP B 296 -32.75 -17.72 0.21
N ALA B 297 -33.13 -18.66 -0.65
CA ALA B 297 -32.51 -18.81 -1.97
C ALA B 297 -33.65 -18.97 -2.99
N TRP B 298 -33.42 -18.45 -4.19
CA TRP B 298 -34.41 -18.53 -5.27
C TRP B 298 -33.74 -18.66 -6.60
N THR B 299 -34.48 -19.17 -7.59
CA THR B 299 -34.01 -19.16 -8.95
C THR B 299 -34.96 -18.26 -9.73
N TYR B 300 -34.41 -17.37 -10.54
CA TYR B 300 -35.24 -16.56 -11.42
C TYR B 300 -35.13 -17.24 -12.79
N CYS B 301 -36.27 -17.65 -13.31
CA CYS B 301 -36.34 -18.31 -14.60
C CYS B 301 -36.59 -17.20 -15.60
N ILE B 302 -35.62 -16.95 -16.46
CA ILE B 302 -35.66 -15.85 -17.40
C ILE B 302 -36.77 -16.01 -18.43
N SER B 303 -36.89 -17.18 -19.03
CA SER B 303 -37.93 -17.42 -20.05
C SER B 303 -39.35 -17.26 -19.50
N LYS B 304 -39.58 -17.73 -18.28
CA LYS B 304 -40.90 -17.62 -17.64
C LYS B 304 -41.13 -16.27 -16.95
N ASN B 305 -40.04 -15.50 -16.69
CA ASN B 305 -40.10 -14.24 -15.95
C ASN B 305 -40.73 -14.50 -14.59
N GLU B 306 -40.22 -15.52 -13.89
CA GLU B 306 -40.77 -15.84 -12.57
C GLU B 306 -39.71 -16.31 -11.59
N TRP B 307 -39.97 -16.03 -10.34
CA TRP B 307 -39.11 -16.46 -9.24
C TRP B 307 -39.65 -17.73 -8.66
N ILE B 308 -38.75 -18.67 -8.35
CA ILE B 308 -39.07 -19.97 -7.77
C ILE B 308 -38.21 -20.13 -6.52
N GLN B 309 -38.82 -20.26 -5.34
CA GLN B 309 -38.04 -20.41 -4.12
C GLN B 309 -37.30 -21.76 -4.11
N PHE B 310 -36.05 -21.74 -3.66
CA PHE B 310 -35.15 -22.88 -3.67
C PHE B 310 -34.96 -23.42 -2.28
N ASN B 311 -35.29 -24.71 -2.08
CA ASN B 311 -35.15 -25.39 -0.80
C ASN B 311 -33.74 -25.89 -0.66
N HIS B 312 -33.13 -25.63 0.49
CA HIS B 312 -31.74 -26.00 0.72
C HIS B 312 -31.45 -26.31 2.19
N PRO B 313 -30.30 -26.95 2.51
CA PRO B 313 -30.03 -27.30 3.90
C PRO B 313 -29.34 -26.22 4.74
N TYR B 314 -29.31 -24.96 4.25
CA TYR B 314 -28.61 -23.91 4.99
C TYR B 314 -29.54 -22.80 5.50
N THR B 315 -30.79 -23.15 5.93
CA THR B 315 -31.70 -22.13 6.47
C THR B 315 -31.14 -21.46 7.72
N GLU B 316 -30.37 -22.19 8.52
CA GLU B 316 -29.76 -21.60 9.73
C GLU B 316 -28.41 -20.91 9.45
N LYS B 317 -28.07 -20.72 8.16
CA LYS B 317 -26.84 -20.08 7.75
C LYS B 317 -27.06 -18.83 6.86
N PRO B 318 -27.73 -17.78 7.37
CA PRO B 318 -27.87 -16.56 6.57
C PRO B 318 -26.48 -15.95 6.30
N ARG B 319 -26.33 -15.28 5.16
CA ARG B 319 -25.04 -14.68 4.82
C ARG B 319 -25.28 -13.35 4.14
N LEU B 320 -24.49 -12.37 4.50
CA LEU B 320 -24.46 -11.06 3.84
C LEU B 320 -23.02 -10.72 3.53
N TRP B 321 -22.80 -10.19 2.32
CA TRP B 321 -21.47 -9.82 1.83
C TRP B 321 -20.54 -11.03 1.60
N HIS B 322 -21.16 -12.20 1.39
CA HIS B 322 -20.47 -13.41 0.98
C HIS B 322 -20.23 -13.26 -0.55
N THR B 323 -19.56 -14.26 -1.15
CA THR B 323 -19.43 -14.33 -2.60
C THR B 323 -20.09 -15.64 -3.05
N ALA B 324 -20.39 -15.75 -4.33
CA ALA B 324 -20.96 -16.95 -4.90
C ALA B 324 -20.40 -17.13 -6.32
N CYS B 325 -19.93 -18.35 -6.62
CA CYS B 325 -19.39 -18.68 -7.94
C CYS B 325 -20.07 -19.94 -8.44
N ALA B 326 -20.41 -19.98 -9.73
CA ALA B 326 -21.03 -21.18 -10.31
C ALA B 326 -19.94 -22.13 -10.74
N SER B 327 -20.16 -23.42 -10.52
CA SER B 327 -19.21 -24.44 -10.95
C SER B 327 -19.67 -25.07 -12.26
N ASP B 328 -18.75 -25.74 -12.97
CA ASP B 328 -19.05 -26.52 -14.18
C ASP B 328 -19.88 -27.80 -13.85
N GLU B 329 -20.15 -28.07 -12.57
CA GLU B 329 -20.94 -29.21 -12.11
C GLU B 329 -22.39 -28.85 -11.73
N GLY B 330 -22.82 -27.62 -12.05
CA GLY B 330 -24.17 -27.16 -11.75
C GLY B 330 -24.35 -26.58 -10.36
N GLU B 331 -23.28 -26.53 -9.56
CA GLU B 331 -23.38 -26.03 -8.19
C GLU B 331 -23.08 -24.55 -8.07
N VAL B 332 -23.49 -23.94 -6.95
CA VAL B 332 -23.14 -22.56 -6.65
C VAL B 332 -22.35 -22.65 -5.36
N ILE B 333 -21.13 -22.17 -5.37
CA ILE B 333 -20.24 -22.21 -4.22
C ILE B 333 -20.24 -20.87 -3.53
N VAL B 334 -20.83 -20.79 -2.35
CA VAL B 334 -20.86 -19.57 -1.54
C VAL B 334 -19.69 -19.62 -0.56
N PHE B 335 -19.00 -18.48 -0.33
CA PHE B 335 -17.90 -18.44 0.65
C PHE B 335 -17.93 -17.14 1.42
N GLY B 336 -17.59 -17.25 2.70
CA GLY B 336 -17.42 -16.09 3.55
C GLY B 336 -18.71 -15.35 3.81
N GLY B 337 -18.55 -14.06 4.03
CA GLY B 337 -19.69 -13.24 4.38
C GLY B 337 -19.97 -13.35 5.86
N CYS B 338 -21.00 -12.67 6.30
CA CYS B 338 -21.32 -12.55 7.70
C CYS B 338 -22.71 -13.12 8.01
N ALA B 339 -22.85 -13.84 9.14
CA ALA B 339 -24.13 -14.44 9.47
C ALA B 339 -25.13 -13.48 10.13
N ASN B 340 -24.64 -12.33 10.62
CA ASN B 340 -25.53 -11.37 11.27
C ASN B 340 -25.29 -9.94 10.75
N ASN B 341 -25.85 -8.93 11.43
CA ASN B 341 -25.70 -7.55 11.02
C ASN B 341 -24.24 -7.13 11.18
N LEU B 342 -23.50 -7.15 10.08
CA LEU B 342 -22.09 -6.76 10.14
C LEU B 342 -21.89 -5.27 10.44
N LEU B 343 -22.97 -4.45 10.40
CA LEU B 343 -22.85 -3.03 10.76
C LEU B 343 -22.51 -2.86 12.25
N VAL B 344 -22.74 -3.89 13.08
CA VAL B 344 -22.34 -3.84 14.50
C VAL B 344 -21.00 -4.58 14.46
N HIS B 345 -19.92 -3.83 14.17
CA HIS B 345 -18.63 -4.46 13.94
C HIS B 345 -18.13 -5.37 15.06
N HIS B 346 -18.25 -4.98 16.34
CA HIS B 346 -17.77 -5.77 17.47
C HIS B 346 -18.59 -7.07 17.74
N ARG B 347 -19.76 -7.21 17.09
CA ARG B 347 -20.55 -8.43 17.24
C ARG B 347 -20.64 -9.24 15.91
N ALA B 348 -20.03 -8.74 14.81
CA ALA B 348 -20.10 -9.39 13.52
C ALA B 348 -19.61 -10.84 13.51
N ALA B 349 -20.40 -11.77 12.93
CA ALA B 349 -20.04 -13.18 12.87
C ALA B 349 -19.54 -13.56 11.44
N HIS B 350 -18.33 -13.11 11.12
CA HIS B 350 -17.68 -13.38 9.86
C HIS B 350 -17.43 -14.89 9.72
N SER B 351 -17.58 -15.41 8.51
CA SER B 351 -17.50 -16.83 8.28
C SER B 351 -16.42 -17.23 7.30
N ASN B 352 -15.87 -18.44 7.46
CA ASN B 352 -14.96 -18.99 6.46
C ASN B 352 -15.58 -20.27 5.81
N GLU B 353 -16.91 -20.47 5.98
CA GLU B 353 -17.55 -21.67 5.51
C GLU B 353 -17.84 -21.59 4.04
N ILE B 354 -17.79 -22.76 3.41
CA ILE B 354 -18.18 -23.00 2.02
C ILE B 354 -19.58 -23.65 2.13
N LEU B 355 -20.56 -23.06 1.47
CA LEU B 355 -21.90 -23.61 1.40
C LEU B 355 -22.10 -24.01 -0.05
N ILE B 356 -22.51 -25.27 -0.30
CA ILE B 356 -22.67 -25.76 -1.66
C ILE B 356 -24.13 -25.95 -2.05
N PHE B 357 -24.60 -25.20 -3.03
CA PHE B 357 -25.97 -25.28 -3.48
C PHE B 357 -26.04 -26.10 -4.76
N SER B 358 -26.83 -27.18 -4.75
CA SER B 358 -26.98 -28.06 -5.93
C SER B 358 -28.18 -27.53 -6.70
N VAL B 359 -27.94 -26.50 -7.51
CA VAL B 359 -28.95 -25.76 -8.25
C VAL B 359 -29.48 -26.51 -9.45
N GLN B 360 -28.59 -27.11 -10.23
CA GLN B 360 -29.00 -27.88 -11.40
C GLN B 360 -28.11 -29.09 -11.60
N ASN C 10 -15.76 2.81 8.10
CA ASN C 10 -16.04 3.46 6.83
C ASN C 10 -16.28 2.48 5.68
N ASN C 11 -15.80 1.21 5.84
CA ASN C 11 -15.94 0.25 4.75
C ASN C 11 -17.35 -0.29 4.54
N THR C 12 -18.22 -0.25 5.57
CA THR C 12 -19.55 -0.83 5.46
C THR C 12 -20.68 0.15 5.10
N SER C 13 -20.37 1.45 5.01
CA SER C 13 -21.37 2.47 4.70
C SER C 13 -21.92 2.30 3.27
N GLY C 14 -23.14 2.78 3.03
CA GLY C 14 -23.77 2.74 1.72
C GLY C 14 -24.42 1.44 1.29
N SER C 15 -24.38 0.45 2.16
CA SER C 15 -24.98 -0.88 1.95
C SER C 15 -26.30 -1.03 2.70
N SER D 9 6.30 2.53 19.21
CA SER D 9 5.92 1.92 17.95
C SER D 9 7.02 1.02 17.39
N ASN D 10 6.67 0.19 16.41
CA ASN D 10 7.61 -0.68 15.73
C ASN D 10 8.58 0.10 14.82
N ASN D 11 8.22 1.33 14.41
CA ASN D 11 9.07 2.09 13.49
C ASN D 11 10.34 2.65 14.11
N THR D 12 10.38 2.85 15.44
CA THR D 12 11.54 3.46 16.10
C THR D 12 12.53 2.50 16.73
N SER D 13 12.26 1.19 16.67
CA SER D 13 13.14 0.19 17.27
C SER D 13 14.48 0.11 16.54
N GLY D 14 15.53 -0.34 17.26
CA GLY D 14 16.85 -0.53 16.66
C GLY D 14 17.72 0.69 16.52
N SER D 15 17.23 1.83 17.00
CA SER D 15 17.91 3.12 17.01
C SER D 15 18.50 3.44 18.39
#